data_2GZ6
#
_entry.id   2GZ6
#
_cell.length_a   79.267
_cell.length_b   100.027
_cell.length_c   104.878
_cell.angle_alpha   90.00
_cell.angle_beta   90.00
_cell.angle_gamma   90.00
#
_symmetry.space_group_name_H-M   'P 21 21 21'
#
loop_
_entity.id
_entity.type
_entity.pdbx_description
1 polymer 'N-acetyl-D-glucosamine 2-epimerase'
2 water water
#
_entity_poly.entity_id   1
_entity_poly.type   'polypeptide(L)'
_entity_poly.pdbx_seq_one_letter_code
;MGKNLQALAQLYKNALLNDVLPFWENHSLDSEGGYFTCLDRQGKVYDTDKFIWLQNRQVWTFSMLCNQLEKRENWLKIAR
NGAKFLAQHGRDDEGNWYFALTRGGEPLVQPYNIFSDCFAAMAFSQYALASGEEWAKDVAMQAYNNVLRRKDNPKGKYTK
TYPGTRPMKALAVPMILANLTLEMEWLLPQETLENVLAATVQEVMGDFLDQEQGLMYENVAPDGSHIDCFEGRLINPGHG
IEAMWFIMDIARRKNDSKTINQAVDVVLNILNFAWDNEYGGLYYFMDAAGHPPQQLEWDQKLWWVHLESLVALAMGYRLT
GRDACWAWYQKMHDYSWQHFADPEYGEWFGYLNRRGEVLLNLKGGKWKGCFHVPRAMYLCWQQFEALS
;
_entity_poly.pdbx_strand_id   A,B
#
# COMPACT_ATOMS: atom_id res chain seq x y z
N LYS A 3 18.26 -8.36 -17.93
CA LYS A 3 16.89 -8.91 -17.52
C LYS A 3 15.77 -7.86 -17.55
N ASN A 4 16.16 -6.60 -17.66
CA ASN A 4 15.41 -5.48 -17.07
C ASN A 4 14.05 -5.66 -16.35
N LEU A 5 14.28 -5.98 -15.09
CA LEU A 5 13.29 -6.14 -14.06
C LEU A 5 12.44 -4.89 -13.94
N GLN A 6 13.04 -3.70 -14.06
CA GLN A 6 12.19 -2.48 -13.98
C GLN A 6 11.17 -2.31 -15.11
N ALA A 7 11.57 -2.59 -16.37
CA ALA A 7 10.58 -2.59 -17.47
C ALA A 7 9.40 -3.56 -17.22
N LEU A 8 9.69 -4.69 -16.60
CA LEU A 8 8.69 -5.72 -16.30
C LEU A 8 7.75 -5.28 -15.16
N ALA A 9 8.31 -4.61 -14.15
CA ALA A 9 7.46 -4.03 -13.10
C ALA A 9 6.53 -3.01 -13.74
N GLN A 10 7.08 -2.19 -14.62
CA GLN A 10 6.33 -1.15 -15.29
C GLN A 10 5.23 -1.74 -16.18
N LEU A 11 5.59 -2.83 -16.89
CA LEU A 11 4.62 -3.53 -17.77
C LEU A 11 3.36 -3.97 -17.04
N TYR A 12 3.56 -4.64 -15.90
CA TYR A 12 2.45 -5.16 -15.09
C TYR A 12 1.70 -4.05 -14.35
N LYS A 13 2.42 -3.09 -13.79
CA LYS A 13 1.76 -1.91 -13.17
C LYS A 13 0.82 -1.27 -14.16
N ASN A 14 1.37 -0.98 -15.33
CA ASN A 14 0.63 -0.33 -16.39
C ASN A 14 -0.57 -1.14 -16.86
N ALA A 15 -0.37 -2.45 -17.11
CA ALA A 15 -1.44 -3.36 -17.53
C ALA A 15 -2.62 -3.36 -16.55
N LEU A 16 -2.32 -3.48 -15.25
CA LEU A 16 -3.36 -3.45 -14.24
C LEU A 16 -4.12 -2.14 -14.19
N LEU A 17 -3.39 -1.03 -14.09
CA LEU A 17 -3.97 0.28 -13.75
C LEU A 17 -4.58 0.98 -14.98
N ASN A 18 -3.92 0.82 -16.13
CA ASN A 18 -4.38 1.45 -17.36
C ASN A 18 -5.11 0.53 -18.32
N ASP A 19 -5.12 -0.79 -18.07
CA ASP A 19 -5.82 -1.66 -19.04
C ASP A 19 -6.91 -2.44 -18.37
N VAL A 20 -6.53 -3.27 -17.40
CA VAL A 20 -7.44 -4.27 -16.81
C VAL A 20 -8.52 -3.63 -15.91
N LEU A 21 -8.13 -2.81 -14.93
CA LEU A 21 -9.19 -2.21 -14.06
C LEU A 21 -10.15 -1.28 -14.85
N PRO A 22 -9.62 -0.43 -15.72
CA PRO A 22 -10.52 0.35 -16.59
C PRO A 22 -11.49 -0.51 -17.41
N PHE A 23 -11.02 -1.69 -17.86
CA PHE A 23 -11.89 -2.57 -18.62
C PHE A 23 -13.13 -2.92 -17.81
N TRP A 24 -12.91 -3.37 -16.59
CA TRP A 24 -14.01 -3.74 -15.69
C TRP A 24 -14.83 -2.52 -15.26
N GLU A 25 -14.15 -1.40 -15.00
CA GLU A 25 -14.89 -0.17 -14.69
C GLU A 25 -15.75 0.31 -15.88
N ASN A 26 -15.18 0.22 -17.07
CA ASN A 26 -15.86 0.68 -18.29
C ASN A 26 -17.00 -0.23 -18.82
N HIS A 27 -16.92 -1.55 -18.57
CA HIS A 27 -17.88 -2.47 -19.19
C HIS A 27 -18.80 -3.30 -18.27
N SER A 28 -18.44 -3.48 -17.00
CA SER A 28 -19.11 -4.49 -16.19
C SER A 28 -20.11 -3.96 -15.16
N LEU A 29 -20.19 -2.66 -14.99
CA LEU A 29 -20.99 -2.10 -13.88
C LEU A 29 -22.49 -2.06 -14.28
N ASP A 30 -23.31 -2.79 -13.52
CA ASP A 30 -24.75 -2.82 -13.73
C ASP A 30 -25.40 -1.78 -12.81
N SER A 31 -25.99 -0.76 -13.43
CA SER A 31 -26.83 0.24 -12.77
C SER A 31 -27.86 -0.38 -11.84
N GLU A 32 -28.32 -1.60 -12.13
CA GLU A 32 -29.22 -2.29 -11.20
C GLU A 32 -28.50 -2.88 -9.98
N GLY A 33 -27.16 -2.87 -9.98
CA GLY A 33 -26.39 -3.47 -8.88
C GLY A 33 -25.59 -4.69 -9.33
N GLY A 34 -24.40 -4.89 -8.73
CA GLY A 34 -23.52 -6.00 -9.14
C GLY A 34 -22.93 -5.70 -10.52
N TYR A 35 -22.53 -6.74 -11.22
CA TYR A 35 -21.67 -6.60 -12.36
C TYR A 35 -22.07 -7.57 -13.46
N PHE A 36 -21.81 -7.19 -14.71
CA PHE A 36 -21.91 -8.08 -15.86
C PHE A 36 -20.52 -8.72 -16.06
N THR A 37 -20.46 -10.04 -15.94
CA THR A 37 -19.20 -10.75 -16.24
C THR A 37 -19.23 -11.30 -17.67
N CYS A 38 -20.42 -11.45 -18.23
CA CYS A 38 -20.51 -12.01 -19.58
C CYS A 38 -20.30 -10.93 -20.64
N LEU A 39 -19.02 -10.72 -20.94
CA LEU A 39 -18.55 -9.67 -21.81
C LEU A 39 -17.83 -10.29 -22.97
N ASP A 40 -18.17 -9.86 -24.18
CA ASP A 40 -17.48 -10.31 -25.37
C ASP A 40 -16.13 -9.65 -25.55
N ARG A 41 -15.45 -9.89 -26.67
CA ARG A 41 -14.08 -9.36 -26.88
C ARG A 41 -13.96 -7.84 -26.60
N GLN A 42 -15.00 -7.10 -26.98
CA GLN A 42 -15.05 -5.64 -26.92
C GLN A 42 -15.69 -5.12 -25.66
N GLY A 43 -16.12 -6.04 -24.77
CA GLY A 43 -16.71 -5.67 -23.49
C GLY A 43 -18.19 -5.47 -23.59
N LYS A 44 -18.79 -5.85 -24.71
CA LYS A 44 -20.24 -5.75 -24.82
C LYS A 44 -20.89 -6.90 -24.04
N VAL A 45 -22.01 -6.62 -23.37
CA VAL A 45 -22.70 -7.64 -22.53
C VAL A 45 -23.44 -8.65 -23.42
N TYR A 46 -23.23 -9.95 -23.19
CA TYR A 46 -23.98 -10.98 -23.94
C TYR A 46 -24.92 -11.78 -23.06
N ASP A 47 -24.80 -11.60 -21.75
CA ASP A 47 -25.69 -12.24 -20.82
C ASP A 47 -25.65 -11.42 -19.53
N THR A 48 -26.82 -11.15 -18.97
CA THR A 48 -26.94 -10.34 -17.73
C THR A 48 -26.95 -11.13 -16.38
N ASP A 49 -26.86 -12.46 -16.43
CA ASP A 49 -26.90 -13.30 -15.21
C ASP A 49 -25.76 -12.94 -14.23
N LYS A 50 -25.99 -13.17 -12.94
CA LYS A 50 -25.06 -12.71 -11.92
C LYS A 50 -24.44 -13.93 -11.24
N PHE A 51 -23.26 -14.31 -11.69
CA PHE A 51 -22.61 -15.49 -11.14
C PHE A 51 -21.86 -15.11 -9.84
N ILE A 52 -22.43 -15.54 -8.71
CA ILE A 52 -22.10 -15.03 -7.37
C ILE A 52 -20.61 -15.20 -7.02
N TRP A 53 -19.97 -16.30 -7.42
CA TRP A 53 -18.55 -16.47 -7.12
C TRP A 53 -17.75 -15.32 -7.70
N LEU A 54 -18.04 -14.96 -8.95
CA LEU A 54 -17.41 -13.84 -9.66
C LEU A 54 -17.83 -12.46 -9.21
N GLN A 55 -19.10 -12.33 -8.78
CA GLN A 55 -19.59 -11.07 -8.22
C GLN A 55 -18.78 -10.79 -6.98
N ASN A 56 -18.69 -11.77 -6.09
CA ASN A 56 -17.88 -11.66 -4.88
C ASN A 56 -16.40 -11.47 -5.18
N ARG A 57 -15.83 -12.17 -6.16
CA ARG A 57 -14.40 -11.93 -6.45
C ARG A 57 -14.14 -10.53 -6.91
N GLN A 58 -15.09 -9.91 -7.60
CA GLN A 58 -14.89 -8.52 -8.07
C GLN A 58 -14.97 -7.49 -6.93
N VAL A 59 -15.90 -7.69 -5.98
CA VAL A 59 -15.94 -6.89 -4.71
C VAL A 59 -14.60 -7.06 -4.00
N TRP A 60 -14.15 -8.31 -3.85
CA TRP A 60 -12.83 -8.63 -3.31
C TRP A 60 -11.66 -7.89 -4.03
N THR A 61 -11.59 -7.96 -5.36
CA THR A 61 -10.44 -7.37 -6.10
C THR A 61 -10.31 -5.85 -5.85
N PHE A 62 -11.40 -5.12 -6.05
CA PHE A 62 -11.39 -3.68 -5.82
C PHE A 62 -11.16 -3.32 -4.34
N SER A 63 -11.69 -4.12 -3.43
CA SER A 63 -11.53 -3.90 -1.99
C SER A 63 -10.09 -4.20 -1.57
N MET A 64 -9.57 -5.33 -2.03
CA MET A 64 -8.15 -5.69 -1.79
C MET A 64 -7.21 -4.59 -2.27
N LEU A 65 -7.49 -4.02 -3.46
CA LEU A 65 -6.64 -2.95 -4.00
C LEU A 65 -6.74 -1.68 -3.14
N CYS A 66 -7.95 -1.35 -2.70
CA CYS A 66 -8.10 -0.28 -1.69
C CYS A 66 -7.22 -0.49 -0.47
N ASN A 67 -7.17 -1.74 -0.01
CA ASN A 67 -6.45 -2.09 1.20
C ASN A 67 -4.95 -2.24 0.99
N GLN A 68 -4.55 -2.68 -0.21
CA GLN A 68 -3.14 -2.93 -0.51
C GLN A 68 -2.44 -1.77 -1.18
N LEU A 69 -3.16 -1.07 -2.04
CA LEU A 69 -2.54 -0.05 -2.85
C LEU A 69 -2.85 1.35 -2.35
N GLU A 70 -4.10 1.75 -2.51
CA GLU A 70 -4.52 3.12 -2.33
C GLU A 70 -6.04 3.08 -2.22
N LYS A 71 -6.60 3.79 -1.26
CA LYS A 71 -8.05 3.78 -1.09
C LYS A 71 -8.67 4.74 -2.10
N ARG A 72 -8.86 4.31 -3.34
CA ARG A 72 -9.36 5.21 -4.34
C ARG A 72 -10.88 5.22 -4.30
N GLU A 73 -11.42 6.42 -4.53
CA GLU A 73 -12.84 6.69 -4.48
C GLU A 73 -13.64 5.85 -5.51
N ASN A 74 -13.14 5.77 -6.75
CA ASN A 74 -13.82 4.95 -7.76
C ASN A 74 -13.83 3.45 -7.44
N TRP A 75 -12.72 2.91 -6.95
CA TRP A 75 -12.64 1.50 -6.54
C TRP A 75 -13.53 1.16 -5.35
N LEU A 76 -13.48 2.00 -4.30
CA LEU A 76 -14.41 1.92 -3.20
C LEU A 76 -15.86 1.91 -3.67
N LYS A 77 -16.20 2.84 -4.56
CA LYS A 77 -17.55 2.88 -5.11
C LYS A 77 -17.96 1.61 -5.87
N ILE A 78 -17.04 1.07 -6.68
CA ILE A 78 -17.31 -0.12 -7.47
C ILE A 78 -17.61 -1.28 -6.56
N ALA A 79 -16.80 -1.40 -5.51
CA ALA A 79 -16.93 -2.50 -4.55
C ALA A 79 -18.24 -2.41 -3.73
N ARG A 80 -18.53 -1.21 -3.25
CA ARG A 80 -19.76 -0.90 -2.50
C ARG A 80 -21.04 -1.29 -3.24
N ASN A 81 -21.18 -0.81 -4.47
CA ASN A 81 -22.39 -1.11 -5.24
C ASN A 81 -22.56 -2.61 -5.58
N GLY A 82 -21.45 -3.37 -5.59
CA GLY A 82 -21.52 -4.83 -5.73
C GLY A 82 -21.88 -5.46 -4.40
N ALA A 83 -21.24 -4.96 -3.35
CA ALA A 83 -21.47 -5.48 -2.01
C ALA A 83 -22.93 -5.28 -1.56
N LYS A 84 -23.51 -4.12 -1.87
CA LYS A 84 -24.92 -3.85 -1.51
C LYS A 84 -25.88 -4.83 -2.21
N PHE A 85 -25.69 -5.02 -3.51
CA PHE A 85 -26.52 -5.95 -4.33
C PHE A 85 -26.47 -7.38 -3.82
N LEU A 86 -25.25 -7.84 -3.52
CA LEU A 86 -25.05 -9.18 -3.01
C LEU A 86 -25.63 -9.39 -1.61
N ALA A 87 -25.50 -8.38 -0.74
CA ALA A 87 -26.04 -8.52 0.63
C ALA A 87 -27.56 -8.61 0.57
N GLN A 88 -28.16 -7.84 -0.32
CA GLN A 88 -29.62 -7.89 -0.49
C GLN A 88 -30.13 -9.19 -1.15
N HIS A 89 -29.39 -9.73 -2.12
CA HIS A 89 -29.89 -10.84 -2.98
C HIS A 89 -29.16 -12.17 -2.94
N GLY A 90 -27.93 -12.17 -2.43
CA GLY A 90 -27.07 -13.35 -2.54
C GLY A 90 -27.34 -14.54 -1.64
N ARG A 91 -28.16 -14.36 -0.60
CA ARG A 91 -28.38 -15.43 0.41
C ARG A 91 -29.82 -15.97 0.42
N ASP A 92 -29.95 -17.27 0.69
CA ASP A 92 -31.27 -17.88 0.84
C ASP A 92 -31.75 -17.60 2.26
N ASP A 93 -32.94 -18.12 2.60
CA ASP A 93 -33.55 -17.85 3.91
C ASP A 93 -32.80 -18.41 5.10
N GLU A 94 -31.96 -19.42 4.88
CA GLU A 94 -31.12 -19.92 5.94
C GLU A 94 -29.80 -19.14 6.07
N GLY A 95 -29.65 -18.07 5.29
CA GLY A 95 -28.38 -17.36 5.17
C GLY A 95 -27.25 -18.03 4.36
N ASN A 96 -27.55 -19.08 3.60
CA ASN A 96 -26.57 -19.72 2.74
C ASN A 96 -26.49 -19.02 1.40
N TRP A 97 -25.27 -18.86 0.89
CA TRP A 97 -25.05 -18.12 -0.35
C TRP A 97 -25.41 -18.94 -1.61
N TYR A 98 -26.08 -18.29 -2.55
CA TYR A 98 -26.43 -18.82 -3.88
C TYR A 98 -25.23 -18.91 -4.85
N PHE A 99 -25.40 -19.69 -5.94
CA PHE A 99 -24.41 -19.72 -7.01
C PHE A 99 -24.71 -18.69 -8.10
N ALA A 100 -25.98 -18.51 -8.46
CA ALA A 100 -26.32 -17.55 -9.52
C ALA A 100 -27.65 -16.92 -9.27
N LEU A 101 -27.77 -15.66 -9.73
CA LEU A 101 -29.02 -14.90 -9.76
C LEU A 101 -29.21 -14.36 -11.17
N THR A 102 -30.45 -14.00 -11.47
CA THR A 102 -30.78 -13.20 -12.64
C THR A 102 -30.23 -11.81 -12.41
N ARG A 103 -30.19 -11.02 -13.49
CA ARG A 103 -29.74 -9.64 -13.39
C ARG A 103 -30.30 -8.88 -12.16
N GLY A 104 -31.59 -9.02 -11.92
CA GLY A 104 -32.29 -8.23 -10.87
C GLY A 104 -32.19 -8.88 -9.51
N GLY A 105 -31.54 -10.04 -9.42
CA GLY A 105 -31.24 -10.61 -8.12
C GLY A 105 -32.12 -11.77 -7.68
N GLU A 106 -32.95 -12.29 -8.59
CA GLU A 106 -33.78 -13.47 -8.24
C GLU A 106 -32.91 -14.72 -8.31
N PRO A 107 -33.09 -15.68 -7.37
CA PRO A 107 -32.20 -16.83 -7.32
C PRO A 107 -32.42 -17.88 -8.43
N LEU A 108 -31.32 -18.43 -8.95
CA LEU A 108 -31.39 -19.56 -9.88
C LEU A 108 -31.05 -20.88 -9.18
N VAL A 109 -31.89 -21.89 -9.42
CA VAL A 109 -31.86 -23.14 -8.64
C VAL A 109 -30.66 -24.02 -8.91
N GLN A 110 -29.93 -24.38 -7.84
CA GLN A 110 -28.79 -25.31 -7.97
C GLN A 110 -28.31 -25.81 -6.62
N PRO A 111 -27.81 -27.07 -6.59
CA PRO A 111 -27.27 -27.65 -5.37
C PRO A 111 -26.33 -26.66 -4.71
N TYR A 112 -26.58 -26.40 -3.44
CA TYR A 112 -25.75 -25.50 -2.63
C TYR A 112 -24.29 -25.95 -2.60
N ASN A 113 -23.38 -24.98 -2.55
CA ASN A 113 -21.95 -25.26 -2.53
C ASN A 113 -21.32 -24.42 -1.43
N ILE A 114 -20.63 -25.04 -0.49
CA ILE A 114 -19.96 -24.31 0.59
C ILE A 114 -18.91 -23.25 0.08
N PHE A 115 -18.37 -23.43 -1.12
CA PHE A 115 -17.43 -22.46 -1.66
C PHE A 115 -18.12 -21.12 -1.87
N SER A 116 -19.43 -21.13 -2.10
CA SER A 116 -20.16 -19.87 -2.26
C SER A 116 -19.97 -18.95 -1.06
N ASP A 117 -20.23 -19.51 0.12
CA ASP A 117 -20.00 -18.79 1.38
C ASP A 117 -18.53 -18.39 1.54
N CYS A 118 -17.62 -19.28 1.17
CA CYS A 118 -16.18 -18.95 1.26
C CYS A 118 -15.87 -17.67 0.53
N PHE A 119 -16.36 -17.54 -0.69
CA PHE A 119 -15.97 -16.37 -1.50
C PHE A 119 -16.68 -15.11 -0.99
N ALA A 120 -17.92 -15.28 -0.50
CA ALA A 120 -18.63 -14.17 0.18
C ALA A 120 -17.81 -13.64 1.39
N ALA A 121 -17.36 -14.57 2.25
CA ALA A 121 -16.61 -14.18 3.45
C ALA A 121 -15.39 -13.35 3.01
N MET A 122 -14.68 -13.85 2.01
CA MET A 122 -13.44 -13.22 1.54
C MET A 122 -13.72 -11.80 1.04
N ALA A 123 -14.78 -11.68 0.24
CA ALA A 123 -15.13 -10.41 -0.40
C ALA A 123 -15.60 -9.35 0.62
N PHE A 124 -16.49 -9.76 1.51
CA PHE A 124 -17.05 -8.82 2.48
C PHE A 124 -16.06 -8.46 3.57
N SER A 125 -15.19 -9.40 3.93
CA SER A 125 -14.11 -9.07 4.89
C SER A 125 -13.28 -7.89 4.36
N GLN A 126 -12.84 -8.01 3.10
CA GLN A 126 -11.98 -7.01 2.49
C GLN A 126 -12.75 -5.74 2.24
N TYR A 127 -14.01 -5.87 1.82
CA TYR A 127 -14.85 -4.69 1.69
C TYR A 127 -15.08 -3.99 3.06
N ALA A 128 -15.37 -4.77 4.10
CA ALA A 128 -15.60 -4.21 5.44
C ALA A 128 -14.36 -3.44 5.92
N LEU A 129 -13.18 -4.02 5.67
CA LEU A 129 -11.89 -3.37 5.97
C LEU A 129 -11.70 -2.07 5.21
N ALA A 130 -11.95 -2.13 3.90
CA ALA A 130 -11.74 -0.95 3.04
C ALA A 130 -12.68 0.21 3.37
N SER A 131 -13.94 -0.14 3.64
CA SER A 131 -15.00 0.82 3.84
C SER A 131 -15.20 1.21 5.32
N GLY A 132 -14.81 0.34 6.25
CA GLY A 132 -15.12 0.56 7.68
C GLY A 132 -16.61 0.44 8.02
N GLU A 133 -17.39 -0.20 7.14
CA GLU A 133 -18.81 -0.35 7.34
C GLU A 133 -19.17 -1.61 8.10
N GLU A 134 -19.88 -1.43 9.20
CA GLU A 134 -20.17 -2.50 10.12
C GLU A 134 -21.13 -3.56 9.51
N TRP A 135 -22.12 -3.10 8.74
CA TRP A 135 -23.03 -4.05 8.09
C TRP A 135 -22.28 -5.08 7.24
N ALA A 136 -21.22 -4.64 6.54
CA ALA A 136 -20.42 -5.53 5.66
C ALA A 136 -19.62 -6.52 6.49
N LYS A 137 -19.16 -6.07 7.67
CA LYS A 137 -18.49 -6.96 8.61
C LYS A 137 -19.40 -8.10 9.11
N ASP A 138 -20.67 -7.77 9.38
CA ASP A 138 -21.66 -8.79 9.79
C ASP A 138 -21.83 -9.86 8.71
N VAL A 139 -21.92 -9.43 7.44
CA VAL A 139 -22.02 -10.40 6.30
C VAL A 139 -20.83 -11.38 6.27
N ALA A 140 -19.63 -10.83 6.36
CA ALA A 140 -18.37 -11.58 6.44
C ALA A 140 -18.37 -12.60 7.60
N MET A 141 -18.75 -12.16 8.80
CA MET A 141 -18.75 -13.10 9.93
C MET A 141 -19.77 -14.23 9.75
N GLN A 142 -20.95 -13.92 9.23
CA GLN A 142 -21.95 -14.95 8.99
C GLN A 142 -21.49 -16.01 7.97
N ALA A 143 -20.96 -15.53 6.84
CA ALA A 143 -20.47 -16.42 5.79
C ALA A 143 -19.37 -17.31 6.36
N TYR A 144 -18.40 -16.69 7.03
CA TYR A 144 -17.32 -17.42 7.67
C TYR A 144 -17.84 -18.44 8.69
N ASN A 145 -18.74 -18.01 9.58
CA ASN A 145 -19.39 -18.93 10.50
C ASN A 145 -20.20 -20.05 9.79
N ASN A 146 -20.90 -19.70 8.70
CA ASN A 146 -21.59 -20.70 7.86
C ASN A 146 -20.61 -21.81 7.47
N VAL A 147 -19.42 -21.42 6.99
CA VAL A 147 -18.39 -22.38 6.56
C VAL A 147 -17.87 -23.30 7.68
N LEU A 148 -17.58 -22.70 8.84
CA LEU A 148 -17.09 -23.43 9.98
C LEU A 148 -18.10 -24.40 10.55
N ARG A 149 -19.39 -24.13 10.37
CA ARG A 149 -20.40 -25.06 10.86
C ARG A 149 -20.67 -26.18 9.84
N ARG A 150 -20.00 -26.11 8.69
CA ARG A 150 -19.92 -27.24 7.75
C ARG A 150 -18.45 -27.65 7.50
N THR A 165 -17.62 -45.62 0.07
CA THR A 165 -16.99 -46.61 -0.84
C THR A 165 -15.59 -46.25 -1.25
N ARG A 166 -15.39 -44.98 -1.60
CA ARG A 166 -14.12 -44.48 -2.15
C ARG A 166 -13.98 -43.05 -1.63
N PRO A 167 -13.58 -42.90 -0.36
CA PRO A 167 -13.51 -41.54 0.16
C PRO A 167 -12.34 -40.84 -0.52
N MET A 168 -12.48 -39.56 -0.80
CA MET A 168 -11.41 -38.85 -1.45
C MET A 168 -11.56 -37.39 -1.12
N LYS A 169 -10.48 -36.64 -1.18
CA LYS A 169 -10.57 -35.22 -0.82
C LYS A 169 -9.87 -34.44 -1.91
N ALA A 170 -10.30 -33.20 -2.08
CA ALA A 170 -9.80 -32.37 -3.20
C ALA A 170 -8.78 -31.33 -2.75
N LEU A 171 -7.75 -31.12 -3.57
CA LEU A 171 -6.79 -30.01 -3.38
C LEU A 171 -7.46 -28.64 -3.16
N ALA A 172 -8.57 -28.39 -3.85
CA ALA A 172 -9.28 -27.09 -3.70
C ALA A 172 -9.66 -26.74 -2.25
N VAL A 173 -9.90 -27.76 -1.43
CA VAL A 173 -10.46 -27.53 -0.08
C VAL A 173 -9.46 -26.90 0.90
N PRO A 174 -8.30 -27.54 1.09
CA PRO A 174 -7.31 -26.82 1.91
C PRO A 174 -6.89 -25.47 1.30
N MET A 175 -6.78 -25.38 -0.03
CA MET A 175 -6.49 -24.09 -0.67
C MET A 175 -7.56 -23.03 -0.33
N ILE A 176 -8.83 -23.39 -0.43
CA ILE A 176 -9.86 -22.37 -0.20
C ILE A 176 -9.98 -22.03 1.30
N LEU A 177 -9.87 -23.04 2.16
CA LEU A 177 -9.83 -22.78 3.60
C LEU A 177 -8.71 -21.82 3.99
N ALA A 178 -7.52 -21.99 3.41
CA ALA A 178 -6.40 -21.13 3.75
C ALA A 178 -6.62 -19.72 3.25
N ASN A 179 -7.17 -19.60 2.03
CA ASN A 179 -7.54 -18.29 1.45
C ASN A 179 -8.58 -17.60 2.28
N LEU A 180 -9.62 -18.35 2.68
CA LEU A 180 -10.68 -17.82 3.54
C LEU A 180 -10.11 -17.21 4.85
N THR A 181 -9.28 -17.96 5.55
CA THR A 181 -8.72 -17.48 6.81
C THR A 181 -7.78 -16.27 6.64
N LEU A 182 -6.95 -16.29 5.60
CA LEU A 182 -6.08 -15.15 5.29
C LEU A 182 -6.89 -13.86 4.97
N GLU A 183 -7.92 -13.98 4.15
CA GLU A 183 -8.70 -12.80 3.77
C GLU A 183 -9.45 -12.31 4.99
N MET A 184 -9.66 -13.21 5.96
CA MET A 184 -10.41 -12.89 7.16
C MET A 184 -9.50 -12.44 8.31
N GLU A 185 -8.21 -12.26 8.01
CA GLU A 185 -7.15 -12.09 9.01
C GLU A 185 -7.46 -11.02 10.06
N TRP A 186 -7.79 -9.79 9.61
CA TRP A 186 -8.07 -8.66 10.50
C TRP A 186 -9.30 -8.88 11.44
N LEU A 187 -10.06 -9.94 11.19
CA LEU A 187 -11.25 -10.23 12.00
C LEU A 187 -11.09 -11.43 12.93
N LEU A 188 -9.95 -12.12 12.86
CA LEU A 188 -9.76 -13.39 13.60
C LEU A 188 -8.57 -13.28 14.56
N PRO A 189 -8.54 -14.13 15.60
CA PRO A 189 -7.32 -14.22 16.41
C PRO A 189 -6.08 -14.62 15.57
N GLN A 190 -4.94 -13.97 15.82
CA GLN A 190 -3.64 -14.34 15.21
C GLN A 190 -3.48 -15.87 15.20
N GLU A 191 -3.87 -16.51 16.30
CA GLU A 191 -3.55 -17.92 16.45
C GLU A 191 -4.29 -18.83 15.47
N THR A 192 -5.54 -18.48 15.18
CA THR A 192 -6.35 -19.25 14.22
C THR A 192 -5.71 -19.23 12.83
N LEU A 193 -5.19 -18.07 12.42
CA LEU A 193 -4.51 -17.95 11.12
C LEU A 193 -3.22 -18.78 11.10
N GLU A 194 -2.45 -18.71 12.19
CA GLU A 194 -1.22 -19.48 12.28
C GLU A 194 -1.49 -21.01 12.22
N ASN A 195 -2.51 -21.47 12.92
CA ASN A 195 -2.93 -22.88 12.90
C ASN A 195 -3.41 -23.35 11.52
N VAL A 196 -4.25 -22.57 10.89
CA VAL A 196 -4.70 -22.90 9.54
C VAL A 196 -3.52 -22.95 8.55
N LEU A 197 -2.67 -21.92 8.55
CA LEU A 197 -1.55 -21.88 7.60
C LEU A 197 -0.60 -23.04 7.82
N ALA A 198 -0.25 -23.33 9.07
CA ALA A 198 0.53 -24.55 9.37
C ALA A 198 -0.17 -25.84 8.86
N ALA A 199 -1.46 -25.97 9.10
CA ALA A 199 -2.20 -27.16 8.64
C ALA A 199 -2.24 -27.27 7.08
N THR A 200 -2.47 -26.12 6.43
CA THR A 200 -2.36 -26.01 4.97
C THR A 200 -1.02 -26.52 4.41
N VAL A 201 0.10 -26.03 4.92
CA VAL A 201 1.40 -26.42 4.40
C VAL A 201 1.54 -27.92 4.55
N GLN A 202 1.20 -28.43 5.74
CA GLN A 202 1.32 -29.86 6.03
C GLN A 202 0.49 -30.71 5.06
N GLU A 203 -0.74 -30.29 4.81
CA GLU A 203 -1.66 -31.05 3.99
C GLU A 203 -1.31 -30.99 2.48
N VAL A 204 -1.11 -29.78 1.95
CA VAL A 204 -0.76 -29.59 0.54
C VAL A 204 0.57 -30.27 0.21
N MET A 205 1.63 -29.95 0.99
CA MET A 205 2.96 -30.48 0.75
C MET A 205 3.09 -31.92 1.21
N GLY A 206 2.15 -32.38 2.02
CA GLY A 206 2.31 -33.73 2.59
C GLY A 206 1.45 -34.78 1.92
N ASP A 207 0.20 -34.42 1.65
CA ASP A 207 -0.76 -35.39 1.12
C ASP A 207 -0.96 -35.26 -0.38
N PHE A 208 -1.16 -34.03 -0.84
CA PHE A 208 -1.46 -33.78 -2.28
C PHE A 208 -0.23 -33.80 -3.22
N LEU A 209 0.94 -33.44 -2.69
CA LEU A 209 2.21 -33.60 -3.37
C LEU A 209 2.64 -35.04 -3.31
N ASP A 210 2.88 -35.63 -4.48
CA ASP A 210 3.43 -36.98 -4.56
C ASP A 210 4.94 -36.84 -4.49
N GLN A 211 5.56 -37.32 -3.41
CA GLN A 211 7.02 -37.19 -3.24
C GLN A 211 7.86 -37.86 -4.34
N GLU A 212 7.51 -39.10 -4.66
CA GLU A 212 8.22 -39.83 -5.69
C GLU A 212 8.23 -39.03 -6.99
N GLN A 213 7.05 -38.66 -7.49
CA GLN A 213 6.96 -38.00 -8.79
C GLN A 213 7.28 -36.52 -8.72
N GLY A 214 7.06 -35.92 -7.56
CA GLY A 214 7.25 -34.48 -7.38
C GLY A 214 6.16 -33.63 -8.05
N LEU A 215 4.95 -34.18 -8.11
CA LEU A 215 3.81 -33.53 -8.77
C LEU A 215 2.63 -33.43 -7.80
N MET A 216 1.80 -32.41 -8.01
CA MET A 216 0.57 -32.21 -7.28
C MET A 216 -0.62 -32.98 -7.92
N TYR A 217 -1.32 -33.76 -7.10
CA TYR A 217 -2.55 -34.44 -7.50
C TYR A 217 -3.75 -33.60 -7.05
N GLU A 218 -4.81 -33.62 -7.84
CA GLU A 218 -6.07 -32.93 -7.52
C GLU A 218 -6.91 -33.60 -6.44
N ASN A 219 -6.83 -34.93 -6.37
CA ASN A 219 -7.67 -35.73 -5.49
C ASN A 219 -6.88 -36.90 -4.97
N VAL A 220 -6.89 -37.08 -3.65
CA VAL A 220 -6.24 -38.25 -3.04
C VAL A 220 -7.18 -38.87 -1.98
N ALA A 221 -6.81 -40.03 -1.45
CA ALA A 221 -7.55 -40.57 -0.30
C ALA A 221 -7.32 -39.69 0.95
N PRO A 222 -8.26 -39.73 1.91
CA PRO A 222 -8.04 -38.98 3.16
C PRO A 222 -6.67 -39.20 3.80
N ASP A 223 -6.09 -40.39 3.63
CA ASP A 223 -4.79 -40.70 4.24
C ASP A 223 -3.62 -40.33 3.33
N GLY A 224 -3.91 -39.62 2.24
CA GLY A 224 -2.91 -39.13 1.32
C GLY A 224 -2.52 -40.04 0.18
N SER A 225 -3.07 -41.25 0.14
CA SER A 225 -2.62 -42.21 -0.86
C SER A 225 -3.43 -42.03 -2.15
N HIS A 226 -2.93 -42.62 -3.22
CA HIS A 226 -3.56 -42.51 -4.53
C HIS A 226 -4.73 -43.44 -4.69
N ILE A 227 -5.68 -43.03 -5.54
CA ILE A 227 -6.79 -43.91 -5.93
C ILE A 227 -6.76 -44.05 -7.46
N ASP A 228 -6.82 -45.28 -7.96
CA ASP A 228 -6.85 -45.45 -9.38
C ASP A 228 -8.30 -45.28 -9.89
N CYS A 229 -8.62 -44.04 -10.25
CA CYS A 229 -9.91 -43.70 -10.86
C CYS A 229 -9.70 -42.39 -11.60
N PHE A 230 -10.68 -41.92 -12.38
CA PHE A 230 -10.53 -40.65 -13.11
C PHE A 230 -10.09 -39.46 -12.20
N GLU A 231 -10.75 -39.33 -11.05
CA GLU A 231 -10.46 -38.27 -10.07
C GLU A 231 -9.06 -38.40 -9.49
N GLY A 232 -8.71 -39.64 -9.14
CA GLY A 232 -7.43 -39.95 -8.50
C GLY A 232 -6.24 -39.92 -9.41
N ARG A 233 -6.44 -40.05 -10.72
CA ARG A 233 -5.35 -39.87 -11.67
C ARG A 233 -5.20 -38.42 -12.21
N LEU A 234 -6.12 -37.54 -11.84
CA LEU A 234 -6.15 -36.18 -12.38
C LEU A 234 -5.03 -35.23 -11.91
N ILE A 235 -4.35 -34.64 -12.90
CA ILE A 235 -3.43 -33.54 -12.71
C ILE A 235 -4.04 -32.32 -13.42
N ASN A 236 -4.14 -31.20 -12.70
CA ASN A 236 -4.47 -29.92 -13.27
C ASN A 236 -3.19 -29.06 -13.10
N PRO A 237 -2.31 -29.07 -14.11
CA PRO A 237 -1.01 -28.36 -13.94
C PRO A 237 -1.10 -26.95 -13.31
N GLY A 238 -1.95 -26.08 -13.86
CA GLY A 238 -2.07 -24.74 -13.30
C GLY A 238 -2.56 -24.66 -11.86
N HIS A 239 -3.46 -25.56 -11.47
CA HIS A 239 -3.98 -25.54 -10.10
C HIS A 239 -2.89 -25.85 -9.05
N GLY A 240 -2.05 -26.82 -9.37
CA GLY A 240 -0.95 -27.19 -8.48
C GLY A 240 0.09 -26.07 -8.41
N ILE A 241 0.29 -25.39 -9.53
CA ILE A 241 1.20 -24.22 -9.58
C ILE A 241 0.65 -23.05 -8.79
N GLU A 242 -0.65 -22.78 -8.95
CA GLU A 242 -1.29 -21.84 -8.05
C GLU A 242 -1.16 -22.20 -6.53
N ALA A 243 -1.35 -23.47 -6.19
CA ALA A 243 -1.16 -23.91 -4.79
C ALA A 243 0.29 -23.69 -4.33
N MET A 244 1.23 -23.96 -5.22
CA MET A 244 2.65 -23.76 -4.88
C MET A 244 3.00 -22.31 -4.58
N TRP A 245 2.50 -21.34 -5.36
CA TRP A 245 2.80 -19.98 -4.95
C TRP A 245 2.10 -19.62 -3.62
N PHE A 246 0.93 -20.20 -3.37
CA PHE A 246 0.29 -19.93 -2.11
C PHE A 246 1.19 -20.42 -0.97
N ILE A 247 1.78 -21.59 -1.16
CA ILE A 247 2.69 -22.15 -0.18
C ILE A 247 3.95 -21.27 -0.01
N MET A 248 4.57 -20.82 -1.10
CA MET A 248 5.69 -19.87 -0.99
C MET A 248 5.31 -18.67 -0.09
N ASP A 249 4.10 -18.18 -0.32
CA ASP A 249 3.63 -16.97 0.33
C ASP A 249 3.38 -17.19 1.83
N ILE A 250 2.90 -18.38 2.18
CA ILE A 250 2.74 -18.77 3.59
C ILE A 250 4.10 -18.92 4.28
N ALA A 251 4.99 -19.67 3.63
CA ALA A 251 6.31 -19.95 4.17
C ALA A 251 7.17 -18.70 4.38
N ARG A 252 7.02 -17.71 3.49
CA ARG A 252 7.77 -16.45 3.62
C ARG A 252 7.49 -15.74 4.96
N ARG A 253 6.26 -15.86 5.47
CA ARG A 253 5.88 -15.21 6.74
C ARG A 253 6.79 -15.57 7.88
N LYS A 254 7.26 -16.82 7.88
CA LYS A 254 8.17 -17.30 8.92
C LYS A 254 9.58 -17.51 8.37
N ASN A 255 9.87 -16.96 7.20
CA ASN A 255 11.18 -17.14 6.55
C ASN A 255 11.56 -18.60 6.40
N ASP A 256 10.57 -19.45 6.12
CA ASP A 256 10.82 -20.88 6.01
C ASP A 256 11.32 -21.17 4.59
N SER A 257 12.63 -21.00 4.40
CA SER A 257 13.23 -21.05 3.09
C SER A 257 13.20 -22.44 2.52
N LYS A 258 13.24 -23.43 3.41
CA LYS A 258 13.23 -24.83 2.98
C LYS A 258 11.92 -25.13 2.23
N THR A 259 10.81 -24.75 2.85
CA THR A 259 9.52 -24.93 2.27
C THR A 259 9.34 -24.08 0.99
N ILE A 260 9.70 -22.80 1.02
CA ILE A 260 9.68 -22.02 -0.24
C ILE A 260 10.43 -22.75 -1.33
N ASN A 261 11.63 -23.24 -1.04
CA ASN A 261 12.37 -23.97 -2.05
C ASN A 261 11.74 -25.26 -2.53
N GLN A 262 11.06 -25.99 -1.63
CA GLN A 262 10.36 -27.21 -2.02
C GLN A 262 9.27 -26.90 -3.05
N ALA A 263 8.57 -25.82 -2.81
CA ALA A 263 7.46 -25.37 -3.62
C ALA A 263 7.97 -24.95 -4.99
N VAL A 264 9.11 -24.24 -5.01
CA VAL A 264 9.77 -23.97 -6.30
C VAL A 264 10.10 -25.25 -7.07
N ASP A 265 10.73 -26.22 -6.40
CA ASP A 265 11.01 -27.52 -7.02
C ASP A 265 9.76 -28.05 -7.69
N VAL A 266 8.64 -28.07 -6.96
CA VAL A 266 7.36 -28.58 -7.52
C VAL A 266 6.93 -27.75 -8.72
N VAL A 267 7.01 -26.43 -8.63
CA VAL A 267 6.63 -25.61 -9.81
C VAL A 267 7.43 -26.02 -11.04
N LEU A 268 8.74 -26.18 -10.88
CA LEU A 268 9.58 -26.52 -11.99
C LEU A 268 9.21 -27.91 -12.54
N ASN A 269 8.92 -28.86 -11.65
CA ASN A 269 8.52 -30.23 -12.03
C ASN A 269 7.26 -30.23 -12.91
N ILE A 270 6.29 -29.42 -12.49
CA ILE A 270 5.00 -29.36 -13.20
C ILE A 270 5.16 -28.74 -14.59
N LEU A 271 5.90 -27.64 -14.66
CA LEU A 271 6.21 -27.03 -15.95
C LEU A 271 6.88 -28.00 -16.93
N ASN A 272 7.89 -28.70 -16.47
CA ASN A 272 8.57 -29.66 -17.32
C ASN A 272 7.62 -30.78 -17.75
N PHE A 273 6.72 -31.17 -16.84
CA PHE A 273 5.75 -32.24 -17.07
C PHE A 273 4.57 -31.85 -18.01
N ALA A 274 4.10 -30.60 -17.92
CA ALA A 274 2.84 -30.17 -18.56
C ALA A 274 3.01 -29.21 -19.75
N TRP A 275 4.24 -28.79 -20.06
CA TRP A 275 4.46 -27.93 -21.24
C TRP A 275 4.22 -28.69 -22.55
N ASP A 276 3.50 -28.06 -23.45
CA ASP A 276 3.18 -28.65 -24.73
C ASP A 276 4.36 -28.33 -25.65
N ASN A 277 5.22 -29.30 -25.93
CA ASN A 277 6.39 -28.98 -26.75
C ASN A 277 6.06 -28.67 -28.19
N GLU A 278 5.00 -29.29 -28.69
CA GLU A 278 4.56 -28.95 -30.03
C GLU A 278 4.01 -27.51 -30.18
N TYR A 279 3.04 -27.11 -29.35
CA TYR A 279 2.41 -25.78 -29.54
C TYR A 279 2.72 -24.64 -28.53
N GLY A 280 3.54 -24.92 -27.52
CA GLY A 280 3.71 -24.05 -26.36
C GLY A 280 2.54 -24.10 -25.42
N GLY A 281 2.77 -23.72 -24.18
CA GLY A 281 1.66 -23.56 -23.20
C GLY A 281 1.51 -24.82 -22.37
N LEU A 282 0.82 -24.69 -21.23
CA LEU A 282 0.54 -25.80 -20.34
C LEU A 282 -0.85 -26.37 -20.59
N TYR A 283 -0.92 -27.70 -20.62
CA TYR A 283 -2.21 -28.38 -20.73
C TYR A 283 -3.08 -28.05 -19.53
N TYR A 284 -4.39 -28.14 -19.73
CA TYR A 284 -5.35 -27.81 -18.73
C TYR A 284 -5.48 -29.00 -17.76
N PHE A 285 -5.65 -30.22 -18.30
CA PHE A 285 -5.70 -31.47 -17.51
C PHE A 285 -4.82 -32.51 -18.10
N MET A 286 -4.27 -33.35 -17.22
CA MET A 286 -3.55 -34.52 -17.65
C MET A 286 -3.86 -35.71 -16.76
N ASP A 287 -3.65 -36.90 -17.30
CA ASP A 287 -3.88 -38.12 -16.54
C ASP A 287 -2.52 -38.69 -16.12
N ALA A 288 -2.34 -38.91 -14.82
CA ALA A 288 -1.03 -39.32 -14.29
C ALA A 288 -0.52 -40.65 -14.85
N ALA A 289 -1.43 -41.52 -15.25
CA ALA A 289 -1.06 -42.81 -15.80
C ALA A 289 -0.99 -42.79 -17.33
N GLY A 290 -1.25 -41.65 -17.97
CA GLY A 290 -1.25 -41.66 -19.42
C GLY A 290 -2.52 -42.17 -20.11
N HIS A 291 -3.59 -42.38 -19.34
CA HIS A 291 -4.88 -42.83 -19.88
C HIS A 291 -5.65 -41.64 -20.46
N PRO A 292 -6.67 -41.93 -21.30
CA PRO A 292 -7.47 -40.80 -21.85
C PRO A 292 -8.25 -40.08 -20.75
N PRO A 293 -8.02 -38.76 -20.59
CA PRO A 293 -8.79 -38.07 -19.57
C PRO A 293 -10.30 -38.08 -19.86
N GLN A 294 -11.11 -37.87 -18.81
CA GLN A 294 -12.53 -37.75 -19.01
C GLN A 294 -12.89 -36.31 -19.47
N GLN A 295 -11.95 -35.38 -19.33
CA GLN A 295 -12.23 -34.01 -19.71
C GLN A 295 -11.98 -33.75 -21.21
N LEU A 296 -13.02 -33.35 -21.95
CA LEU A 296 -12.85 -32.99 -23.34
C LEU A 296 -11.96 -31.74 -23.52
N GLU A 297 -11.87 -30.91 -22.49
CA GLU A 297 -11.02 -29.71 -22.53
C GLU A 297 -9.56 -29.90 -22.08
N TRP A 298 -9.10 -31.13 -21.95
CA TRP A 298 -7.78 -31.41 -21.34
C TRP A 298 -6.64 -30.67 -22.00
N ASP A 299 -6.69 -30.52 -23.33
CA ASP A 299 -5.51 -30.02 -24.06
C ASP A 299 -5.58 -28.52 -24.32
N GLN A 300 -6.59 -27.87 -23.75
CA GLN A 300 -6.77 -26.44 -23.96
C GLN A 300 -5.83 -25.57 -23.17
N LYS A 301 -5.69 -24.32 -23.63
CA LYS A 301 -4.74 -23.40 -23.02
C LYS A 301 -5.51 -22.22 -22.36
N LEU A 302 -5.52 -22.20 -21.04
CA LEU A 302 -6.41 -21.28 -20.27
C LEU A 302 -5.67 -20.11 -19.66
N TRP A 303 -6.29 -18.93 -19.66
CA TRP A 303 -5.56 -17.73 -19.21
C TRP A 303 -4.98 -17.89 -17.80
N TRP A 304 -5.80 -18.42 -16.89
CA TRP A 304 -5.43 -18.40 -15.47
C TRP A 304 -4.32 -19.38 -15.17
N VAL A 305 -4.30 -20.47 -15.93
CA VAL A 305 -3.24 -21.49 -15.84
C VAL A 305 -1.86 -20.86 -16.03
N HIS A 306 -1.78 -20.02 -17.06
CA HIS A 306 -0.56 -19.31 -17.41
C HIS A 306 -0.26 -18.11 -16.50
N LEU A 307 -1.28 -17.31 -16.19
CA LEU A 307 -1.07 -16.18 -15.27
C LEU A 307 -0.58 -16.65 -13.90
N GLU A 308 -1.17 -17.71 -13.39
CA GLU A 308 -0.71 -18.22 -12.10
C GLU A 308 0.72 -18.76 -12.18
N SER A 309 1.12 -19.27 -13.35
CA SER A 309 2.53 -19.70 -13.54
C SER A 309 3.49 -18.48 -13.58
N LEU A 310 3.07 -17.38 -14.20
CA LEU A 310 3.87 -16.16 -14.19
C LEU A 310 4.08 -15.65 -12.75
N VAL A 311 3.01 -15.67 -11.96
CA VAL A 311 3.09 -15.33 -10.54
C VAL A 311 4.02 -16.26 -9.78
N ALA A 312 3.88 -17.57 -9.97
CA ALA A 312 4.68 -18.53 -9.21
C ALA A 312 6.17 -18.39 -9.55
N LEU A 313 6.47 -18.21 -10.83
CA LEU A 313 7.87 -18.04 -11.26
C LEU A 313 8.49 -16.69 -10.84
N ALA A 314 7.75 -15.61 -11.05
CA ALA A 314 8.18 -14.29 -10.60
C ALA A 314 8.46 -14.34 -9.08
N MET A 315 7.47 -14.83 -8.35
CA MET A 315 7.61 -15.04 -6.88
C MET A 315 8.74 -15.99 -6.46
N GLY A 316 8.83 -17.17 -7.10
CA GLY A 316 9.95 -18.08 -6.80
C GLY A 316 11.33 -17.44 -6.99
N TYR A 317 11.53 -16.74 -8.12
CA TYR A 317 12.79 -16.03 -8.38
C TYR A 317 13.00 -14.89 -7.38
N ARG A 318 11.94 -14.14 -7.07
CA ARG A 318 12.07 -13.06 -6.11
C ARG A 318 12.49 -13.63 -4.74
N LEU A 319 11.85 -14.73 -4.33
CA LEU A 319 12.12 -15.28 -2.99
C LEU A 319 13.37 -16.10 -2.81
N THR A 320 13.83 -16.77 -3.87
CA THR A 320 14.94 -17.69 -3.84
C THR A 320 16.11 -17.33 -4.75
N GLY A 321 15.91 -16.46 -5.74
CA GLY A 321 16.97 -16.26 -6.73
C GLY A 321 17.30 -17.46 -7.60
N ARG A 322 16.44 -18.48 -7.59
CA ARG A 322 16.66 -19.73 -8.33
C ARG A 322 16.65 -19.39 -9.82
N ASP A 323 17.80 -19.55 -10.47
CA ASP A 323 17.95 -19.21 -11.87
C ASP A 323 16.91 -19.87 -12.76
N ALA A 324 16.54 -21.13 -12.50
CA ALA A 324 15.57 -21.80 -13.37
C ALA A 324 14.17 -21.13 -13.37
N CYS A 325 13.83 -20.44 -12.26
CA CYS A 325 12.61 -19.64 -12.21
C CYS A 325 12.63 -18.50 -13.24
N TRP A 326 13.77 -17.82 -13.37
CA TRP A 326 13.90 -16.76 -14.41
C TRP A 326 13.78 -17.33 -15.83
N ALA A 327 14.51 -18.42 -16.09
CA ALA A 327 14.56 -19.01 -17.41
C ALA A 327 13.14 -19.41 -17.84
N TRP A 328 12.42 -20.08 -16.92
CA TRP A 328 11.04 -20.46 -17.19
C TRP A 328 10.14 -19.26 -17.25
N TYR A 329 10.45 -18.24 -16.45
CA TYR A 329 9.65 -17.04 -16.47
C TYR A 329 9.61 -16.43 -17.89
N GLN A 330 10.77 -16.27 -18.53
CA GLN A 330 10.84 -15.77 -19.90
C GLN A 330 9.95 -16.56 -20.84
N LYS A 331 10.10 -17.87 -20.80
CA LYS A 331 9.36 -18.75 -21.68
C LYS A 331 7.84 -18.63 -21.48
N MET A 332 7.39 -18.59 -20.22
CA MET A 332 5.96 -18.43 -19.90
C MET A 332 5.45 -17.02 -20.29
N HIS A 333 6.29 -16.02 -20.05
CA HIS A 333 5.98 -14.64 -20.40
C HIS A 333 5.70 -14.48 -21.89
N ASP A 334 6.63 -14.94 -22.73
CA ASP A 334 6.49 -14.77 -24.17
C ASP A 334 5.23 -15.49 -24.64
N TYR A 335 5.07 -16.74 -24.20
CA TYR A 335 3.89 -17.53 -24.56
C TYR A 335 2.62 -16.77 -24.15
N SER A 336 2.55 -16.35 -22.88
CA SER A 336 1.28 -15.87 -22.33
C SER A 336 0.87 -14.51 -22.88
N TRP A 337 1.82 -13.58 -22.94
CA TRP A 337 1.52 -12.26 -23.44
C TRP A 337 1.16 -12.32 -24.92
N GLN A 338 1.89 -13.12 -25.70
CA GLN A 338 1.60 -13.23 -27.14
C GLN A 338 0.28 -13.94 -27.45
N HIS A 339 -0.19 -14.85 -26.59
CA HIS A 339 -1.45 -15.53 -26.93
C HIS A 339 -2.71 -15.00 -26.27
N PHE A 340 -2.63 -14.55 -25.01
CA PHE A 340 -3.87 -14.14 -24.30
C PHE A 340 -4.15 -12.63 -24.30
N ALA A 341 -3.09 -11.81 -24.27
CA ALA A 341 -3.23 -10.36 -24.17
C ALA A 341 -3.99 -9.75 -25.34
N ASP A 342 -4.95 -8.89 -25.08
CA ASP A 342 -5.68 -8.26 -26.19
C ASP A 342 -5.74 -6.73 -26.05
N PRO A 343 -4.60 -6.05 -26.19
CA PRO A 343 -4.52 -4.63 -25.82
C PRO A 343 -5.34 -3.71 -26.72
N GLU A 344 -5.67 -4.15 -27.95
CA GLU A 344 -6.57 -3.39 -28.80
C GLU A 344 -7.91 -3.14 -28.11
N TYR A 345 -8.44 -4.13 -27.41
CA TYR A 345 -9.74 -3.97 -26.73
C TYR A 345 -9.70 -3.93 -25.20
N GLY A 346 -8.57 -4.31 -24.61
CA GLY A 346 -8.51 -4.42 -23.17
C GLY A 346 -8.69 -5.84 -22.61
N GLU A 347 -8.03 -6.12 -21.50
CA GLU A 347 -8.14 -7.42 -20.83
C GLU A 347 -7.49 -8.56 -21.66
N TRP A 348 -7.73 -9.78 -21.22
CA TRP A 348 -7.03 -10.94 -21.81
C TRP A 348 -8.11 -11.88 -22.19
N PHE A 349 -7.96 -12.59 -23.32
CA PHE A 349 -8.86 -13.70 -23.64
C PHE A 349 -8.73 -14.76 -22.52
N GLY A 350 -9.76 -15.56 -22.27
CA GLY A 350 -9.67 -16.66 -21.31
C GLY A 350 -9.25 -17.97 -21.97
N TYR A 351 -9.82 -18.23 -23.14
CA TYR A 351 -9.94 -19.61 -23.63
C TYR A 351 -9.36 -19.75 -25.03
N LEU A 352 -8.24 -20.46 -25.09
CA LEU A 352 -7.63 -20.85 -26.35
C LEU A 352 -7.68 -22.37 -26.53
N ASN A 353 -7.63 -22.82 -27.78
CA ASN A 353 -7.49 -24.26 -28.01
C ASN A 353 -6.01 -24.65 -27.85
N ARG A 354 -5.67 -25.94 -28.00
CA ARG A 354 -4.30 -26.36 -27.84
C ARG A 354 -3.29 -25.53 -28.66
N ARG A 355 -3.66 -25.22 -29.91
CA ARG A 355 -2.79 -24.47 -30.87
C ARG A 355 -2.68 -23.01 -30.50
N GLY A 356 -3.43 -22.59 -29.49
CA GLY A 356 -3.37 -21.21 -28.97
C GLY A 356 -4.24 -20.25 -29.78
N GLU A 357 -5.24 -20.80 -30.49
CA GLU A 357 -6.19 -19.98 -31.26
C GLU A 357 -7.35 -19.68 -30.33
N VAL A 358 -7.87 -18.46 -30.41
CA VAL A 358 -9.01 -18.10 -29.55
C VAL A 358 -10.18 -19.03 -29.83
N LEU A 359 -10.67 -19.69 -28.79
CA LEU A 359 -11.76 -20.68 -28.83
C LEU A 359 -13.13 -20.05 -28.54
N LEU A 360 -13.16 -19.16 -27.54
CA LEU A 360 -14.35 -18.37 -27.24
C LEU A 360 -14.00 -16.89 -27.29
N ASN A 361 -14.79 -16.11 -28.00
CA ASN A 361 -14.51 -14.67 -28.15
C ASN A 361 -15.12 -13.89 -26.96
N LEU A 362 -14.56 -14.06 -25.78
CA LEU A 362 -15.06 -13.45 -24.57
C LEU A 362 -13.91 -12.89 -23.79
N LYS A 363 -14.24 -11.94 -22.93
CA LYS A 363 -13.33 -11.40 -21.94
C LYS A 363 -13.85 -11.82 -20.56
N GLY A 364 -15.13 -12.18 -20.49
CA GLY A 364 -15.65 -12.81 -19.30
C GLY A 364 -16.85 -13.72 -19.58
N GLY A 365 -17.26 -14.47 -18.57
CA GLY A 365 -18.36 -15.38 -18.74
C GLY A 365 -18.80 -15.84 -17.37
N LYS A 366 -19.13 -17.12 -17.28
CA LYS A 366 -19.58 -17.77 -16.02
C LYS A 366 -18.44 -18.08 -15.06
N TRP A 367 -17.24 -18.24 -15.62
CA TRP A 367 -16.04 -18.65 -14.87
C TRP A 367 -14.88 -17.65 -14.94
N LYS A 368 -14.96 -16.64 -15.82
CA LYS A 368 -13.92 -15.63 -15.94
C LYS A 368 -14.53 -14.28 -15.60
N GLY A 369 -13.93 -13.58 -14.65
CA GLY A 369 -14.43 -12.28 -14.24
C GLY A 369 -13.27 -11.45 -13.75
N CYS A 370 -13.54 -10.57 -12.80
CA CYS A 370 -12.54 -9.62 -12.42
C CYS A 370 -11.70 -10.20 -11.28
N PHE A 371 -10.86 -11.17 -11.58
CA PHE A 371 -10.16 -11.88 -10.51
C PHE A 371 -8.75 -12.36 -10.86
N HIS A 372 -8.59 -13.50 -11.52
CA HIS A 372 -7.23 -13.96 -11.85
C HIS A 372 -6.39 -12.91 -12.57
N VAL A 373 -6.90 -12.26 -13.60
CA VAL A 373 -6.09 -11.27 -14.33
C VAL A 373 -5.61 -10.13 -13.45
N PRO A 374 -6.54 -9.38 -12.85
CA PRO A 374 -6.05 -8.25 -12.01
C PRO A 374 -5.17 -8.70 -10.86
N ARG A 375 -5.50 -9.81 -10.20
CA ARG A 375 -4.65 -10.31 -9.10
C ARG A 375 -3.22 -10.67 -9.54
N ALA A 376 -3.13 -11.33 -10.69
CA ALA A 376 -1.83 -11.75 -11.23
C ALA A 376 -1.01 -10.56 -11.67
N MET A 377 -1.66 -9.60 -12.33
CA MET A 377 -0.94 -8.36 -12.69
C MET A 377 -0.44 -7.62 -11.46
N TYR A 378 -1.31 -7.44 -10.46
CA TYR A 378 -0.87 -6.89 -9.18
C TYR A 378 0.30 -7.67 -8.55
N LEU A 379 0.15 -8.99 -8.42
CA LEU A 379 1.20 -9.81 -7.83
C LEU A 379 2.55 -9.77 -8.57
N CYS A 380 2.51 -9.90 -9.91
CA CYS A 380 3.73 -9.85 -10.71
C CYS A 380 4.40 -8.45 -10.64
N TRP A 381 3.59 -7.40 -10.75
CA TRP A 381 4.11 -6.06 -10.53
C TRP A 381 4.92 -6.00 -9.23
N GLN A 382 4.36 -6.50 -8.13
CA GLN A 382 5.03 -6.47 -6.82
C GLN A 382 6.35 -7.29 -6.77
N GLN A 383 6.36 -8.47 -7.41
CA GLN A 383 7.55 -9.32 -7.44
C GLN A 383 8.64 -8.59 -8.19
N PHE A 384 8.30 -8.01 -9.34
CA PHE A 384 9.31 -7.33 -10.12
C PHE A 384 9.84 -6.02 -9.51
N GLU A 385 9.01 -5.29 -8.76
CA GLU A 385 9.52 -4.15 -7.97
C GLU A 385 10.57 -4.61 -6.97
N ALA A 386 10.27 -5.67 -6.22
CA ALA A 386 11.24 -6.16 -5.25
C ALA A 386 12.51 -6.66 -5.93
N LEU A 387 12.37 -7.39 -7.02
CA LEU A 387 13.57 -7.90 -7.73
C LEU A 387 14.44 -6.75 -8.27
N SER A 388 13.77 -5.79 -8.88
CA SER A 388 14.42 -4.59 -9.37
C SER A 388 15.15 -3.76 -8.27
N ASN B 4 12.30 11.99 -17.82
CA ASN B 4 10.82 11.95 -17.79
C ASN B 4 10.23 11.62 -16.43
N LEU B 5 8.90 11.67 -16.38
CA LEU B 5 8.08 11.41 -15.19
C LEU B 5 8.40 10.04 -14.56
N GLN B 6 8.56 9.04 -15.40
CA GLN B 6 8.78 7.66 -14.93
C GLN B 6 10.13 7.57 -14.26
N ALA B 7 11.12 8.21 -14.87
CA ALA B 7 12.49 8.25 -14.30
C ALA B 7 12.52 8.94 -12.92
N LEU B 8 11.68 9.95 -12.76
CA LEU B 8 11.58 10.70 -11.50
C LEU B 8 10.94 9.83 -10.45
N ALA B 9 9.85 9.13 -10.82
CA ALA B 9 9.22 8.19 -9.87
C ALA B 9 10.30 7.19 -9.43
N GLN B 10 11.06 6.69 -10.39
CA GLN B 10 12.07 5.72 -10.06
C GLN B 10 13.17 6.29 -9.16
N LEU B 11 13.61 7.52 -9.44
CA LEU B 11 14.66 8.15 -8.64
C LEU B 11 14.23 8.20 -7.17
N TYR B 12 13.02 8.71 -6.94
CA TYR B 12 12.52 8.85 -5.57
C TYR B 12 12.28 7.52 -4.86
N LYS B 13 11.72 6.55 -5.58
CA LYS B 13 11.54 5.19 -5.05
C LYS B 13 12.86 4.59 -4.58
N ASN B 14 13.82 4.56 -5.50
CA ASN B 14 15.16 4.07 -5.17
C ASN B 14 15.88 4.78 -4.00
N ALA B 15 15.87 6.12 -4.04
CA ALA B 15 16.45 6.92 -2.96
C ALA B 15 15.84 6.54 -1.61
N LEU B 16 14.51 6.45 -1.54
CA LEU B 16 13.85 6.06 -0.28
C LEU B 16 14.24 4.65 0.19
N LEU B 17 14.10 3.69 -0.72
CA LEU B 17 14.18 2.28 -0.33
C LEU B 17 15.60 1.74 -0.32
N ASN B 18 16.46 2.22 -1.21
CA ASN B 18 17.87 1.74 -1.26
C ASN B 18 18.89 2.66 -0.56
N ASP B 19 18.50 3.89 -0.26
CA ASP B 19 19.47 4.83 0.34
C ASP B 19 19.03 5.28 1.74
N VAL B 20 17.87 5.95 1.81
CA VAL B 20 17.46 6.63 3.06
C VAL B 20 17.09 5.63 4.16
N LEU B 21 16.21 4.67 3.87
CA LEU B 21 15.78 3.78 4.96
C LEU B 21 16.93 2.90 5.43
N PRO B 22 17.72 2.33 4.51
CA PRO B 22 18.91 1.62 4.98
C PRO B 22 19.87 2.48 5.78
N PHE B 23 19.97 3.76 5.47
CA PHE B 23 20.89 4.61 6.25
C PHE B 23 20.45 4.58 7.71
N TRP B 24 19.16 4.82 7.94
CA TRP B 24 18.62 4.76 9.32
C TRP B 24 18.69 3.36 9.96
N GLU B 25 18.37 2.31 9.21
CA GLU B 25 18.55 0.97 9.77
C GLU B 25 20.01 0.64 10.11
N ASN B 26 20.93 1.11 9.26
CA ASN B 26 22.35 0.74 9.41
C ASN B 26 23.08 1.51 10.49
N HIS B 27 22.58 2.70 10.85
CA HIS B 27 23.35 3.61 11.71
C HIS B 27 22.63 4.07 12.97
N SER B 28 21.28 4.02 13.02
CA SER B 28 20.56 4.69 14.14
C SER B 28 19.97 3.77 15.20
N LEU B 29 20.08 2.45 15.04
CA LEU B 29 19.38 1.57 16.00
C LEU B 29 20.22 1.44 17.25
N ASP B 30 19.66 1.80 18.41
CA ASP B 30 20.39 1.64 19.66
C ASP B 30 19.94 0.32 20.26
N SER B 31 20.88 -0.57 20.54
CA SER B 31 20.52 -1.85 21.21
C SER B 31 19.82 -1.64 22.56
N GLU B 32 20.08 -0.51 23.22
CA GLU B 32 19.40 -0.18 24.48
C GLU B 32 17.96 0.31 24.31
N GLY B 33 17.50 0.43 23.08
CA GLY B 33 16.15 0.94 22.83
C GLY B 33 16.19 2.32 22.19
N GLY B 34 15.31 2.51 21.21
CA GLY B 34 15.14 3.80 20.53
C GLY B 34 16.27 4.00 19.54
N TYR B 35 16.60 5.26 19.24
CA TYR B 35 17.44 5.55 18.06
C TYR B 35 18.47 6.64 18.33
N PHE B 36 19.58 6.56 17.63
CA PHE B 36 20.52 7.66 17.67
C PHE B 36 20.17 8.57 16.50
N THR B 37 19.86 9.83 16.76
CA THR B 37 19.62 10.78 15.63
C THR B 37 20.86 11.67 15.38
N CYS B 38 21.75 11.73 16.35
CA CYS B 38 22.90 12.58 16.25
C CYS B 38 24.01 11.81 15.53
N LEU B 39 23.92 11.82 14.20
CA LEU B 39 24.76 11.04 13.32
C LEU B 39 25.53 12.03 12.42
N ASP B 40 26.84 11.85 12.33
CA ASP B 40 27.67 12.71 11.47
C ASP B 40 27.50 12.29 10.00
N ARG B 41 28.32 12.85 9.11
CA ARG B 41 28.13 12.60 7.64
C ARG B 41 28.17 11.12 7.26
N GLN B 42 28.99 10.37 8.02
CA GLN B 42 29.26 8.96 7.76
C GLN B 42 28.26 8.07 8.50
N GLY B 43 27.46 8.63 9.41
CA GLY B 43 26.49 7.78 10.12
C GLY B 43 26.96 7.41 11.50
N LYS B 44 28.12 7.96 11.87
CA LYS B 44 28.67 7.75 13.19
C LYS B 44 27.99 8.61 14.26
N VAL B 45 27.77 8.04 15.45
CA VAL B 45 27.07 8.70 16.52
C VAL B 45 27.99 9.72 17.19
N TYR B 46 27.50 10.94 17.38
CA TYR B 46 28.31 11.97 18.03
C TYR B 46 27.64 12.42 19.31
N ASP B 47 26.44 11.89 19.58
CA ASP B 47 25.73 12.21 20.80
C ASP B 47 24.64 11.15 20.94
N THR B 48 24.48 10.62 22.16
CA THR B 48 23.53 9.51 22.36
C THR B 48 22.17 9.93 22.94
N ASP B 49 21.95 11.23 23.20
CA ASP B 49 20.65 11.74 23.74
C ASP B 49 19.48 11.35 22.81
N LYS B 50 18.30 11.19 23.41
CA LYS B 50 17.11 10.68 22.75
C LYS B 50 16.06 11.80 22.64
N PHE B 51 16.05 12.47 21.49
CA PHE B 51 15.14 13.60 21.28
C PHE B 51 13.78 13.05 20.81
N ILE B 52 12.83 13.13 21.75
CA ILE B 52 11.59 12.38 21.73
C ILE B 52 10.79 12.74 20.52
N TRP B 53 10.82 14.02 20.09
CA TRP B 53 10.07 14.38 18.87
C TRP B 53 10.51 13.50 17.70
N LEU B 54 11.83 13.37 17.59
CA LEU B 54 12.46 12.63 16.48
C LEU B 54 12.35 11.13 16.66
N GLN B 55 12.35 10.68 17.92
CA GLN B 55 12.15 9.26 18.21
C GLN B 55 10.75 8.83 17.71
N ASN B 56 9.75 9.64 18.08
CA ASN B 56 8.38 9.43 17.58
C ASN B 56 8.26 9.54 16.04
N ARG B 57 8.87 10.56 15.44
CA ARG B 57 8.86 10.66 13.98
C ARG B 57 9.40 9.41 13.32
N GLN B 58 10.45 8.82 13.88
CA GLN B 58 11.01 7.62 13.28
C GLN B 58 10.11 6.38 13.47
N VAL B 59 9.54 6.17 14.65
CA VAL B 59 8.51 5.14 14.77
C VAL B 59 7.40 5.40 13.72
N TRP B 60 6.99 6.67 13.61
CA TRP B 60 5.91 7.03 12.69
C TRP B 60 6.31 6.64 11.25
N THR B 61 7.52 7.06 10.84
CA THR B 61 7.98 6.79 9.46
C THR B 61 7.93 5.34 9.08
N PHE B 62 8.58 4.49 9.87
CA PHE B 62 8.58 3.07 9.58
C PHE B 62 7.19 2.40 9.63
N SER B 63 6.36 2.78 10.60
CA SER B 63 4.96 2.28 10.74
C SER B 63 4.08 2.69 9.56
N MET B 64 4.13 3.98 9.22
CA MET B 64 3.35 4.55 8.11
C MET B 64 3.67 3.81 6.80
N LEU B 65 4.94 3.45 6.61
CA LEU B 65 5.38 2.76 5.39
C LEU B 65 4.80 1.31 5.34
N CYS B 66 4.75 0.68 6.53
CA CYS B 66 4.11 -0.63 6.71
C CYS B 66 2.64 -0.52 6.32
N ASN B 67 2.01 0.58 6.73
CA ASN B 67 0.60 0.85 6.42
C ASN B 67 0.31 1.27 4.95
N GLN B 68 1.20 2.06 4.34
CA GLN B 68 0.96 2.55 2.99
C GLN B 68 1.54 1.63 1.93
N LEU B 69 2.65 0.97 2.23
CA LEU B 69 3.30 0.06 1.29
C LEU B 69 3.15 -1.43 1.62
N GLU B 70 4.05 -1.97 2.44
CA GLU B 70 4.04 -3.38 2.77
C GLU B 70 4.44 -3.53 4.24
N LYS B 71 3.84 -4.47 4.96
CA LYS B 71 4.20 -4.73 6.36
C LYS B 71 5.53 -5.48 6.50
N ARG B 72 6.61 -4.87 6.06
CA ARG B 72 7.92 -5.51 6.13
C ARG B 72 8.38 -5.83 7.56
N GLU B 73 8.92 -7.02 7.72
CA GLU B 73 9.40 -7.49 9.01
C GLU B 73 10.46 -6.58 9.66
N ASN B 74 11.39 -6.08 8.87
CA ASN B 74 12.45 -5.22 9.41
C ASN B 74 11.88 -3.88 9.82
N TRP B 75 11.01 -3.30 8.98
CA TRP B 75 10.31 -2.03 9.34
C TRP B 75 9.49 -2.13 10.63
N LEU B 76 8.72 -3.21 10.76
CA LEU B 76 8.01 -3.48 12.00
C LEU B 76 8.94 -3.57 13.21
N LYS B 77 10.06 -4.27 13.09
CA LYS B 77 10.95 -4.46 14.24
C LYS B 77 11.58 -3.12 14.62
N ILE B 78 11.97 -2.35 13.59
CA ILE B 78 12.54 -1.04 13.84
C ILE B 78 11.52 -0.17 14.59
N ALA B 79 10.30 -0.10 14.09
CA ALA B 79 9.27 0.73 14.72
C ALA B 79 8.97 0.21 16.12
N ARG B 80 8.89 -1.11 16.26
CA ARG B 80 8.50 -1.67 17.55
C ARG B 80 9.53 -1.39 18.67
N ASN B 81 10.80 -1.48 18.36
CA ASN B 81 11.77 -1.30 19.40
C ASN B 81 11.83 0.18 19.81
N GLY B 82 11.58 1.10 18.87
CA GLY B 82 11.44 2.51 19.21
C GLY B 82 10.20 2.72 20.07
N ALA B 83 9.09 2.07 19.68
CA ALA B 83 7.80 2.23 20.36
C ALA B 83 7.87 1.73 21.81
N LYS B 84 8.45 0.55 22.00
CA LYS B 84 8.61 0.02 23.38
C LYS B 84 9.47 0.91 24.31
N PHE B 85 10.62 1.36 23.80
CA PHE B 85 11.49 2.23 24.57
C PHE B 85 10.74 3.51 25.01
N LEU B 86 10.03 4.10 24.09
CA LEU B 86 9.27 5.34 24.32
C LEU B 86 8.11 5.13 25.27
N ALA B 87 7.39 4.02 25.10
CA ALA B 87 6.29 3.71 26.02
C ALA B 87 6.87 3.59 27.45
N GLN B 88 8.07 3.03 27.55
CA GLN B 88 8.68 2.86 28.87
C GLN B 88 9.19 4.16 29.52
N HIS B 89 9.73 5.07 28.71
CA HIS B 89 10.56 6.17 29.25
C HIS B 89 10.07 7.55 28.82
N GLY B 90 9.15 7.58 27.87
CA GLY B 90 8.77 8.82 27.19
C GLY B 90 7.90 9.77 27.98
N ARG B 91 7.23 9.25 29.02
CA ARG B 91 6.18 9.98 29.75
C ARG B 91 6.44 10.16 31.24
N ASP B 92 5.97 11.27 31.79
CA ASP B 92 6.01 11.40 33.26
C ASP B 92 4.89 10.58 33.88
N ASP B 93 4.78 10.59 35.20
CA ASP B 93 3.86 9.63 35.84
C ASP B 93 2.40 9.90 35.52
N GLU B 94 2.06 11.15 35.18
CA GLU B 94 0.70 11.49 34.77
C GLU B 94 0.49 11.32 33.26
N GLY B 95 1.47 10.73 32.56
CA GLY B 95 1.33 10.47 31.13
C GLY B 95 1.67 11.60 30.15
N ASN B 96 2.21 12.70 30.64
CA ASN B 96 2.68 13.80 29.80
C ASN B 96 4.04 13.47 29.14
N TRP B 97 4.16 13.75 27.84
CA TRP B 97 5.38 13.38 27.11
C TRP B 97 6.54 14.35 27.33
N TYR B 98 7.74 13.78 27.52
CA TYR B 98 8.95 14.59 27.70
C TYR B 98 9.44 15.14 26.36
N PHE B 99 10.39 16.07 26.39
CA PHE B 99 11.04 16.52 25.16
C PHE B 99 12.30 15.68 24.86
N ALA B 100 13.08 15.33 25.89
CA ALA B 100 14.34 14.62 25.67
C ALA B 100 14.73 13.71 26.82
N LEU B 101 15.40 12.62 26.48
CA LEU B 101 15.95 11.70 27.41
C LEU B 101 17.40 11.51 27.08
N THR B 102 18.09 11.12 28.13
CA THR B 102 19.37 10.49 28.09
C THR B 102 19.28 9.17 27.31
N ARG B 103 20.40 8.68 26.76
CA ARG B 103 20.42 7.45 25.98
C ARG B 103 19.63 6.33 26.67
N GLY B 104 19.84 6.16 27.98
CA GLY B 104 19.21 5.06 28.73
C GLY B 104 17.77 5.34 29.16
N GLY B 105 17.26 6.54 28.88
CA GLY B 105 15.85 6.85 29.12
C GLY B 105 15.54 7.74 30.30
N GLU B 106 16.56 8.25 31.00
CA GLU B 106 16.31 9.24 32.08
C GLU B 106 15.86 10.58 31.49
N PRO B 107 14.79 11.18 32.05
CA PRO B 107 14.25 12.44 31.51
C PRO B 107 15.14 13.65 31.72
N LEU B 108 15.33 14.45 30.67
CA LEU B 108 16.10 15.68 30.79
C LEU B 108 15.11 16.82 30.95
N VAL B 109 15.23 17.57 32.03
CA VAL B 109 14.10 18.41 32.42
C VAL B 109 14.12 19.78 31.75
N GLN B 110 12.96 20.14 31.22
CA GLN B 110 12.72 21.42 30.57
C GLN B 110 11.21 21.61 30.45
N PRO B 111 10.76 22.86 30.24
CA PRO B 111 9.34 23.16 30.04
C PRO B 111 8.57 22.13 29.17
N TYR B 112 7.37 21.75 29.60
CA TYR B 112 6.49 20.90 28.78
C TYR B 112 6.10 21.63 27.51
N ASN B 113 5.85 20.84 26.47
CA ASN B 113 5.42 21.33 25.19
C ASN B 113 4.47 20.29 24.63
N ILE B 114 3.23 20.69 24.42
CA ILE B 114 2.19 19.81 23.91
C ILE B 114 2.54 19.13 22.56
N PHE B 115 3.48 19.73 21.82
CA PHE B 115 3.93 19.11 20.57
C PHE B 115 4.46 17.67 20.77
N SER B 116 5.15 17.39 21.87
CA SER B 116 5.61 16.01 22.14
C SER B 116 4.47 15.01 22.13
N ASP B 117 3.35 15.32 22.81
CA ASP B 117 2.18 14.43 22.85
C ASP B 117 1.55 14.23 21.47
N CYS B 118 1.51 15.32 20.71
CA CYS B 118 1.06 15.23 19.31
C CYS B 118 1.84 14.22 18.49
N PHE B 119 3.16 14.31 18.50
CA PHE B 119 3.98 13.38 17.70
C PHE B 119 3.89 11.95 18.23
N ALA B 120 3.82 11.82 19.54
CA ALA B 120 3.58 10.52 20.12
C ALA B 120 2.24 9.93 19.67
N ALA B 121 1.18 10.73 19.68
CA ALA B 121 -0.12 10.17 19.24
C ALA B 121 -0.06 9.67 17.80
N MET B 122 0.55 10.48 16.92
CA MET B 122 0.73 10.15 15.51
C MET B 122 1.54 8.90 15.36
N ALA B 123 2.66 8.80 16.09
CA ALA B 123 3.54 7.62 15.97
C ALA B 123 2.89 6.32 16.43
N PHE B 124 2.27 6.37 17.62
CA PHE B 124 1.68 5.15 18.19
C PHE B 124 0.41 4.74 17.50
N SER B 125 -0.30 5.72 16.94
CA SER B 125 -1.47 5.39 16.13
C SER B 125 -1.06 4.54 14.94
N GLN B 126 -0.02 4.97 14.24
CA GLN B 126 0.41 4.27 13.06
C GLN B 126 1.04 2.91 13.41
N TYR B 127 1.82 2.88 14.49
CA TYR B 127 2.44 1.61 14.91
C TYR B 127 1.32 0.60 15.35
N ALA B 128 0.32 1.10 16.08
CA ALA B 128 -0.81 0.23 16.52
C ALA B 128 -1.52 -0.34 15.31
N LEU B 129 -1.77 0.51 14.31
CA LEU B 129 -2.39 0.10 13.06
C LEU B 129 -1.53 -0.96 12.37
N ALA B 130 -0.23 -0.68 12.28
CA ALA B 130 0.68 -1.59 11.59
C ALA B 130 0.80 -2.97 12.26
N SER B 131 0.86 -2.99 13.58
CA SER B 131 1.16 -4.22 14.34
C SER B 131 -0.06 -4.89 14.94
N GLY B 132 -1.13 -4.14 15.16
CA GLY B 132 -2.31 -4.68 15.81
C GLY B 132 -2.16 -4.85 17.31
N GLU B 133 -1.17 -4.18 17.91
CA GLU B 133 -0.97 -4.28 19.37
C GLU B 133 -1.81 -3.27 20.13
N GLU B 134 -2.63 -3.79 21.04
CA GLU B 134 -3.54 -2.92 21.76
C GLU B 134 -2.79 -1.97 22.67
N TRP B 135 -1.67 -2.41 23.27
CA TRP B 135 -0.98 -1.52 24.19
C TRP B 135 -0.55 -0.23 23.47
N ALA B 136 -0.20 -0.36 22.19
CA ALA B 136 0.26 0.79 21.39
C ALA B 136 -0.93 1.69 21.14
N LYS B 137 -2.10 1.09 20.91
CA LYS B 137 -3.34 1.85 20.74
C LYS B 137 -3.66 2.68 22.00
N ASP B 138 -3.49 2.07 23.16
CA ASP B 138 -3.75 2.79 24.41
C ASP B 138 -2.85 4.02 24.54
N VAL B 139 -1.59 3.86 24.16
CA VAL B 139 -0.64 4.97 24.28
C VAL B 139 -1.08 6.09 23.32
N ALA B 140 -1.47 5.73 22.09
CA ALA B 140 -1.96 6.73 21.12
C ALA B 140 -3.16 7.54 21.62
N MET B 141 -4.19 6.85 22.12
CA MET B 141 -5.37 7.55 22.67
C MET B 141 -5.01 8.42 23.85
N GLN B 142 -4.10 7.95 24.72
CA GLN B 142 -3.75 8.76 25.87
C GLN B 142 -3.14 10.07 25.41
N ALA B 143 -2.25 9.97 24.42
CA ALA B 143 -1.53 11.14 23.95
C ALA B 143 -2.48 12.10 23.20
N TYR B 144 -3.36 11.52 22.37
CA TYR B 144 -4.40 12.30 21.66
C TYR B 144 -5.21 13.06 22.73
N ASN B 145 -5.70 12.33 23.75
CA ASN B 145 -6.48 12.99 24.81
C ASN B 145 -5.69 14.07 25.54
N ASN B 146 -4.39 13.85 25.74
CA ASN B 146 -3.50 14.85 26.40
C ASN B 146 -3.58 16.17 25.62
N VAL B 147 -3.51 16.04 24.31
CA VAL B 147 -3.47 17.23 23.44
C VAL B 147 -4.80 17.98 23.59
N LEU B 148 -5.91 17.24 23.59
CA LEU B 148 -7.23 17.89 23.62
C LEU B 148 -7.48 18.57 24.99
N ARG B 149 -6.92 18.03 26.07
CA ARG B 149 -7.17 18.68 27.36
C ARG B 149 -6.19 19.82 27.64
N ARG B 150 -5.15 19.98 26.82
CA ARG B 150 -4.15 21.05 27.05
C ARG B 150 -4.00 22.11 25.96
N LYS B 151 -4.26 21.74 24.70
CA LYS B 151 -3.91 22.62 23.59
C LYS B 151 -4.45 24.05 23.76
N ASP B 152 -5.63 24.18 24.39
CA ASP B 152 -6.24 25.50 24.57
C ASP B 152 -5.99 26.07 25.97
N ARG B 166 -0.95 41.18 23.83
CA ARG B 166 -0.70 40.98 22.40
C ARG B 166 -1.01 39.51 22.09
N PRO B 167 -2.29 39.14 22.04
CA PRO B 167 -2.57 37.72 21.78
C PRO B 167 -2.20 37.38 20.31
N MET B 168 -1.58 36.24 20.10
CA MET B 168 -1.26 35.82 18.74
C MET B 168 -1.29 34.31 18.63
N LYS B 169 -1.46 33.81 17.41
CA LYS B 169 -1.52 32.38 17.19
C LYS B 169 -0.54 31.99 16.09
N ALA B 170 0.01 30.78 16.18
CA ALA B 170 1.01 30.27 15.26
C ALA B 170 0.42 29.32 14.22
N LEU B 171 0.92 29.40 13.00
CA LEU B 171 0.49 28.56 11.90
C LEU B 171 0.73 27.10 12.26
N ALA B 172 1.83 26.82 12.96
CA ALA B 172 2.11 25.43 13.36
C ALA B 172 0.93 24.77 14.08
N VAL B 173 0.11 25.55 14.77
CA VAL B 173 -0.93 24.96 15.63
C VAL B 173 -2.03 24.24 14.85
N PRO B 174 -2.73 24.96 13.92
CA PRO B 174 -3.70 24.22 13.09
C PRO B 174 -3.07 23.10 12.23
N MET B 175 -1.85 23.30 11.75
CA MET B 175 -1.17 22.24 11.00
C MET B 175 -1.00 20.96 11.82
N ILE B 176 -0.44 21.08 13.03
CA ILE B 176 -0.20 19.86 13.84
C ILE B 176 -1.53 19.22 14.26
N LEU B 177 -2.53 20.05 14.59
CA LEU B 177 -3.87 19.56 14.95
C LEU B 177 -4.48 18.75 13.79
N ALA B 178 -4.37 19.25 12.56
CA ALA B 178 -4.86 18.52 11.38
C ALA B 178 -4.05 17.27 11.17
N ASN B 179 -2.71 17.39 11.24
CA ASN B 179 -1.84 16.18 11.19
C ASN B 179 -2.18 15.14 12.25
N LEU B 180 -2.39 15.60 13.48
CA LEU B 180 -2.77 14.70 14.55
C LEU B 180 -4.00 13.90 14.19
N THR B 181 -5.05 14.61 13.83
CA THR B 181 -6.35 13.96 13.57
C THR B 181 -6.29 12.99 12.41
N LEU B 182 -5.59 13.38 11.36
CA LEU B 182 -5.43 12.54 10.18
C LEU B 182 -4.65 11.25 10.50
N GLU B 183 -3.56 11.39 11.26
CA GLU B 183 -2.76 10.21 11.65
C GLU B 183 -3.53 9.31 12.61
N MET B 184 -4.49 9.90 13.32
CA MET B 184 -5.38 9.18 14.26
C MET B 184 -6.63 8.61 13.58
N GLU B 185 -6.69 8.70 12.25
CA GLU B 185 -7.95 8.55 11.50
C GLU B 185 -8.68 7.26 11.78
N TRP B 186 -7.95 6.15 11.74
CA TRP B 186 -8.55 4.83 11.91
C TRP B 186 -9.11 4.63 13.31
N LEU B 187 -8.78 5.54 14.21
CA LEU B 187 -9.22 5.45 15.59
C LEU B 187 -10.37 6.42 15.92
N LEU B 188 -10.71 7.33 15.01
CA LEU B 188 -11.67 8.37 15.34
C LEU B 188 -12.89 8.24 14.46
N PRO B 189 -14.00 8.86 14.87
CA PRO B 189 -15.21 8.89 14.04
C PRO B 189 -14.95 9.67 12.73
N GLN B 190 -15.55 9.24 11.64
CA GLN B 190 -15.49 9.99 10.39
C GLN B 190 -15.81 11.48 10.58
N GLU B 191 -16.76 11.78 11.46
CA GLU B 191 -17.20 13.16 11.58
C GLU B 191 -16.13 14.05 12.18
N THR B 192 -15.34 13.51 13.11
CA THR B 192 -14.25 14.24 13.77
C THR B 192 -13.23 14.72 12.74
N LEU B 193 -12.80 13.81 11.90
CA LEU B 193 -11.84 14.12 10.85
C LEU B 193 -12.41 15.23 9.98
N GLU B 194 -13.66 15.06 9.56
CA GLU B 194 -14.33 16.00 8.67
C GLU B 194 -14.35 17.40 9.24
N ASN B 195 -14.87 17.51 10.47
CA ASN B 195 -14.89 18.81 11.15
C ASN B 195 -13.51 19.45 11.22
N VAL B 196 -12.52 18.66 11.61
CA VAL B 196 -11.18 19.24 11.84
C VAL B 196 -10.54 19.69 10.52
N LEU B 197 -10.61 18.85 9.51
CA LEU B 197 -9.99 19.18 8.21
C LEU B 197 -10.70 20.39 7.56
N ALA B 198 -12.03 20.47 7.67
CA ALA B 198 -12.74 21.66 7.17
C ALA B 198 -12.40 22.91 7.98
N ALA B 199 -12.29 22.77 9.29
CA ALA B 199 -11.84 23.92 10.11
C ALA B 199 -10.41 24.35 9.79
N THR B 200 -9.55 23.39 9.50
CA THR B 200 -8.15 23.67 9.12
C THR B 200 -8.00 24.49 7.83
N VAL B 201 -8.78 24.12 6.81
CA VAL B 201 -8.74 24.83 5.53
C VAL B 201 -9.19 26.26 5.78
N GLN B 202 -10.29 26.42 6.49
CA GLN B 202 -10.81 27.75 6.76
C GLN B 202 -9.76 28.63 7.44
N GLU B 203 -9.22 28.14 8.55
CA GLU B 203 -8.26 28.94 9.31
C GLU B 203 -6.92 29.17 8.61
N VAL B 204 -6.33 28.11 8.03
CA VAL B 204 -5.06 28.29 7.34
C VAL B 204 -5.23 29.24 6.12
N MET B 205 -6.25 29.00 5.30
CA MET B 205 -6.46 29.81 4.08
C MET B 205 -7.16 31.18 4.35
N GLY B 206 -7.77 31.33 5.52
CA GLY B 206 -8.50 32.54 5.88
C GLY B 206 -7.74 33.46 6.81
N ASP B 207 -7.18 32.92 7.88
CA ASP B 207 -6.45 33.79 8.83
C ASP B 207 -4.96 33.89 8.50
N PHE B 208 -4.32 32.76 8.22
CA PHE B 208 -2.87 32.75 8.04
C PHE B 208 -2.42 33.21 6.65
N LEU B 209 -3.27 33.01 5.65
CA LEU B 209 -2.95 33.46 4.30
C LEU B 209 -3.24 34.93 4.25
N ASP B 210 -2.26 35.72 3.82
CA ASP B 210 -2.40 37.16 3.75
C ASP B 210 -2.85 37.48 2.35
N GLN B 211 -4.08 38.00 2.24
CA GLN B 211 -4.60 38.46 0.95
C GLN B 211 -3.78 39.60 0.33
N GLU B 212 -3.02 40.33 1.16
CA GLU B 212 -2.29 41.49 0.63
C GLU B 212 -1.14 41.08 -0.26
N GLN B 213 -0.24 40.23 0.23
CA GLN B 213 0.90 39.78 -0.55
C GLN B 213 0.77 38.36 -1.11
N GLY B 214 -0.34 37.69 -0.82
CA GLY B 214 -0.51 36.28 -1.19
C GLY B 214 0.51 35.34 -0.52
N LEU B 215 0.91 35.70 0.70
CA LEU B 215 1.90 34.95 1.44
C LEU B 215 1.34 34.38 2.72
N MET B 216 1.97 33.32 3.20
CA MET B 216 1.57 32.71 4.45
C MET B 216 2.35 33.39 5.59
N TYR B 217 1.62 33.91 6.56
CA TYR B 217 2.21 34.38 7.79
C TYR B 217 2.36 33.29 8.84
N GLU B 218 3.47 33.32 9.57
CA GLU B 218 3.69 32.40 10.68
C GLU B 218 2.81 32.69 11.88
N ASN B 219 2.53 33.96 12.14
CA ASN B 219 1.89 34.38 13.39
C ASN B 219 0.94 35.51 13.14
N VAL B 220 -0.32 35.36 13.58
CA VAL B 220 -1.31 36.42 13.42
C VAL B 220 -2.10 36.60 14.74
N ALA B 221 -2.89 37.66 14.83
CA ALA B 221 -3.83 37.77 15.93
C ALA B 221 -4.95 36.70 15.79
N PRO B 222 -5.61 36.34 16.90
CA PRO B 222 -6.76 35.43 16.83
C PRO B 222 -7.81 35.76 15.73
N ASP B 223 -8.08 37.04 15.49
CA ASP B 223 -8.99 37.42 14.39
C ASP B 223 -8.34 37.42 13.00
N GLY B 224 -7.11 36.91 12.92
CA GLY B 224 -6.42 36.85 11.64
C GLY B 224 -5.77 38.16 11.22
N SER B 225 -5.89 39.19 12.05
CA SER B 225 -5.18 40.44 11.68
C SER B 225 -3.67 40.35 11.97
N HIS B 226 -2.90 41.20 11.29
CA HIS B 226 -1.47 41.27 11.44
C HIS B 226 -1.05 42.05 12.70
N ILE B 227 0.11 41.67 13.25
CA ILE B 227 0.66 42.35 14.41
C ILE B 227 2.03 42.78 13.99
N ASP B 228 2.35 44.03 14.22
CA ASP B 228 3.59 44.52 13.73
C ASP B 228 4.61 44.29 14.83
N CYS B 229 5.25 43.12 14.78
CA CYS B 229 6.26 42.76 15.77
C CYS B 229 7.14 41.69 15.15
N PHE B 230 8.24 41.30 15.80
CA PHE B 230 9.09 40.26 15.20
C PHE B 230 8.28 39.05 14.79
N GLU B 231 7.48 38.49 15.73
CA GLU B 231 6.66 37.31 15.45
C GLU B 231 5.64 37.55 14.33
N GLY B 232 4.93 38.69 14.39
CA GLY B 232 3.90 39.05 13.40
C GLY B 232 4.39 39.47 12.03
N ARG B 233 5.69 39.76 11.86
CA ARG B 233 6.22 40.02 10.51
C ARG B 233 6.87 38.79 9.85
N LEU B 234 6.92 37.68 10.58
CA LEU B 234 7.76 36.58 10.17
C LEU B 234 7.15 35.73 9.09
N ILE B 235 7.95 35.50 8.06
CA ILE B 235 7.70 34.51 6.98
C ILE B 235 8.72 33.38 7.14
N ASN B 236 8.24 32.15 7.11
CA ASN B 236 9.08 30.98 6.97
C ASN B 236 8.63 30.31 5.65
N PRO B 237 9.30 30.66 4.53
CA PRO B 237 8.89 30.18 3.19
C PRO B 237 8.56 28.68 3.20
N GLY B 238 9.47 27.86 3.72
CA GLY B 238 9.25 26.42 3.65
C GLY B 238 8.06 25.90 4.42
N HIS B 239 7.80 26.52 5.57
CA HIS B 239 6.68 26.14 6.45
C HIS B 239 5.31 26.43 5.79
N GLY B 240 5.20 27.60 5.15
CA GLY B 240 4.05 27.95 4.36
C GLY B 240 3.82 27.00 3.19
N ILE B 241 4.90 26.66 2.50
CA ILE B 241 4.80 25.72 1.36
C ILE B 241 4.35 24.30 1.83
N GLU B 242 4.88 23.84 2.96
CA GLU B 242 4.49 22.58 3.60
C GLU B 242 2.99 22.60 3.94
N ALA B 243 2.53 23.68 4.57
CA ALA B 243 1.09 23.86 4.83
C ALA B 243 0.24 23.80 3.57
N MET B 244 0.74 24.34 2.47
CA MET B 244 -0.04 24.36 1.22
C MET B 244 -0.23 22.95 0.64
N TRP B 245 0.82 22.12 0.63
CA TRP B 245 0.59 20.74 0.14
C TRP B 245 -0.34 19.95 1.06
N PHE B 246 -0.28 20.23 2.36
CA PHE B 246 -1.25 19.65 3.30
C PHE B 246 -2.69 20.06 2.94
N ILE B 247 -2.89 21.36 2.70
CA ILE B 247 -4.17 21.86 2.22
C ILE B 247 -4.54 21.19 0.89
N MET B 248 -3.57 21.10 -0.04
CA MET B 248 -3.87 20.42 -1.31
C MET B 248 -4.42 19.04 -1.01
N ASP B 249 -3.78 18.34 -0.09
CA ASP B 249 -4.14 16.95 0.19
C ASP B 249 -5.52 16.80 0.83
N ILE B 250 -5.90 17.71 1.71
CA ILE B 250 -7.26 17.77 2.27
C ILE B 250 -8.34 18.01 1.21
N ALA B 251 -8.07 19.09 0.47
CA ALA B 251 -8.95 19.53 -0.64
C ALA B 251 -9.13 18.41 -1.66
N ARG B 252 -8.09 17.65 -1.91
CA ARG B 252 -8.21 16.61 -2.90
C ARG B 252 -9.26 15.55 -2.45
N ARG B 253 -9.41 15.37 -1.13
CA ARG B 253 -10.45 14.51 -0.55
C ARG B 253 -11.90 14.77 -1.02
N LYS B 254 -12.26 16.04 -1.22
CA LYS B 254 -13.59 16.38 -1.74
C LYS B 254 -13.55 16.95 -3.13
N ASN B 255 -12.43 16.74 -3.81
CA ASN B 255 -12.27 17.25 -5.14
C ASN B 255 -12.47 18.77 -5.20
N ASP B 256 -11.98 19.47 -4.16
CA ASP B 256 -12.18 20.90 -4.04
C ASP B 256 -11.07 21.59 -4.84
N SER B 257 -11.33 21.72 -6.15
CA SER B 257 -10.36 22.35 -7.07
C SER B 257 -10.07 23.82 -6.79
N LYS B 258 -11.07 24.54 -6.32
CA LYS B 258 -10.88 25.92 -5.94
C LYS B 258 -9.74 26.01 -4.93
N THR B 259 -9.85 25.21 -3.86
CA THR B 259 -8.85 25.24 -2.79
C THR B 259 -7.48 24.71 -3.25
N ILE B 260 -7.47 23.59 -3.97
CA ILE B 260 -6.21 23.09 -4.59
C ILE B 260 -5.51 24.17 -5.45
N ASN B 261 -6.24 24.85 -6.36
CA ASN B 261 -5.61 25.90 -7.14
C ASN B 261 -5.18 27.10 -6.31
N GLN B 262 -5.95 27.43 -5.29
CA GLN B 262 -5.59 28.51 -4.36
C GLN B 262 -4.29 28.21 -3.62
N ALA B 263 -4.15 26.98 -3.10
CA ALA B 263 -2.89 26.55 -2.46
C ALA B 263 -1.71 26.57 -3.45
N VAL B 264 -1.94 26.09 -4.67
CA VAL B 264 -0.94 26.21 -5.69
C VAL B 264 -0.52 27.67 -5.94
N ASP B 265 -1.49 28.58 -6.05
CA ASP B 265 -1.18 30.01 -6.22
C ASP B 265 -0.23 30.48 -5.12
N VAL B 266 -0.52 30.08 -3.88
CA VAL B 266 0.28 30.53 -2.75
C VAL B 266 1.70 29.95 -2.83
N VAL B 267 1.80 28.69 -3.26
CA VAL B 267 3.11 28.07 -3.38
C VAL B 267 3.98 28.90 -4.38
N LEU B 268 3.41 29.24 -5.53
CA LEU B 268 4.17 29.99 -6.52
C LEU B 268 4.57 31.40 -6.01
N ASN B 269 3.65 32.07 -5.32
CA ASN B 269 3.97 33.35 -4.67
C ASN B 269 5.15 33.26 -3.70
N ILE B 270 5.11 32.28 -2.80
CA ILE B 270 6.24 32.12 -1.85
C ILE B 270 7.57 31.85 -2.58
N LEU B 271 7.54 30.96 -3.57
CA LEU B 271 8.76 30.59 -4.28
C LEU B 271 9.42 31.82 -4.93
N ASN B 272 8.61 32.60 -5.63
CA ASN B 272 9.00 33.85 -6.26
C ASN B 272 9.47 34.92 -5.26
N PHE B 273 8.80 34.97 -4.12
CA PHE B 273 9.17 35.87 -3.02
C PHE B 273 10.48 35.47 -2.33
N ALA B 274 10.68 34.16 -2.10
CA ALA B 274 11.74 33.67 -1.21
C ALA B 274 12.98 33.10 -1.89
N TRP B 275 12.97 32.94 -3.21
CA TRP B 275 14.14 32.36 -3.90
C TRP B 275 15.30 33.34 -3.96
N ASP B 276 16.51 32.84 -3.68
CA ASP B 276 17.72 33.61 -3.58
C ASP B 276 18.33 33.70 -4.96
N ASN B 277 18.15 34.82 -5.64
CA ASN B 277 18.52 34.87 -7.04
C ASN B 277 20.02 34.80 -7.22
N GLU B 278 20.78 35.30 -6.23
CA GLU B 278 22.23 35.26 -6.32
C GLU B 278 22.75 33.82 -6.20
N TYR B 279 22.31 33.08 -5.18
CA TYR B 279 22.92 31.78 -4.90
C TYR B 279 22.02 30.55 -5.07
N GLY B 280 20.76 30.76 -5.44
CA GLY B 280 19.84 29.66 -5.51
C GLY B 280 19.31 29.27 -4.13
N GLY B 281 18.13 28.65 -4.09
CA GLY B 281 17.59 28.20 -2.80
C GLY B 281 16.64 29.20 -2.20
N LEU B 282 15.80 28.69 -1.32
CA LEU B 282 14.89 29.49 -0.55
C LEU B 282 15.49 29.83 0.79
N TYR B 283 15.36 31.10 1.16
CA TYR B 283 15.69 31.58 2.50
C TYR B 283 14.86 30.86 3.57
N TYR B 284 15.51 30.63 4.71
CA TYR B 284 14.89 30.03 5.85
C TYR B 284 13.83 30.97 6.49
N PHE B 285 14.21 32.22 6.81
CA PHE B 285 13.26 33.17 7.39
C PHE B 285 13.32 34.47 6.63
N MET B 286 12.19 35.19 6.56
CA MET B 286 12.18 36.53 5.96
C MET B 286 11.28 37.47 6.76
N ASP B 287 11.42 38.76 6.58
CA ASP B 287 10.57 39.65 7.37
C ASP B 287 9.70 40.35 6.35
N ALA B 288 8.38 40.29 6.56
CA ALA B 288 7.39 40.73 5.62
C ALA B 288 7.45 42.23 5.35
N ALA B 289 8.05 43.01 6.24
CA ALA B 289 8.23 44.46 5.97
C ALA B 289 9.65 44.81 5.51
N GLY B 290 10.50 43.81 5.37
CA GLY B 290 11.85 44.08 4.96
C GLY B 290 12.76 44.53 6.09
N HIS B 291 12.29 44.42 7.34
CA HIS B 291 13.14 44.75 8.48
C HIS B 291 14.14 43.64 8.78
N PRO B 292 15.21 43.96 9.57
CA PRO B 292 16.21 42.94 9.95
C PRO B 292 15.61 41.85 10.81
N PRO B 293 15.63 40.59 10.32
CA PRO B 293 15.02 39.53 11.11
C PRO B 293 15.70 39.38 12.51
N GLN B 294 15.01 38.78 13.47
CA GLN B 294 15.69 38.47 14.74
C GLN B 294 16.49 37.18 14.63
N GLN B 295 16.23 36.40 13.58
CA GLN B 295 16.88 35.06 13.38
C GLN B 295 18.25 35.20 12.71
N LEU B 296 19.31 34.83 13.41
CA LEU B 296 20.65 34.80 12.80
C LEU B 296 20.76 33.80 11.64
N GLU B 297 19.90 32.79 11.61
CA GLU B 297 19.94 31.75 10.57
C GLU B 297 19.04 32.05 9.38
N TRP B 298 18.53 33.29 9.26
CA TRP B 298 17.49 33.61 8.27
C TRP B 298 17.91 33.24 6.82
N ASP B 299 19.19 33.41 6.49
CA ASP B 299 19.62 33.28 5.10
C ASP B 299 20.10 31.88 4.74
N GLN B 300 19.95 30.94 5.67
CA GLN B 300 20.43 29.57 5.44
C GLN B 300 19.52 28.73 4.55
N LYS B 301 20.09 27.66 4.00
CA LYS B 301 19.42 26.78 3.05
C LYS B 301 19.27 25.41 3.72
N LEU B 302 18.03 25.08 4.08
CA LEU B 302 17.76 23.92 4.95
C LEU B 302 17.11 22.81 4.17
N TRP B 303 17.54 21.58 4.46
CA TRP B 303 17.02 20.44 3.71
C TRP B 303 15.49 20.39 3.57
N TRP B 304 14.75 20.57 4.65
CA TRP B 304 13.31 20.31 4.62
C TRP B 304 12.53 21.40 3.88
N VAL B 305 13.03 22.63 3.92
CA VAL B 305 12.44 23.73 3.20
C VAL B 305 12.35 23.40 1.68
N HIS B 306 13.39 22.74 1.19
CA HIS B 306 13.51 22.39 -0.23
C HIS B 306 12.81 21.10 -0.56
N LEU B 307 12.96 20.09 0.28
CA LEU B 307 12.17 18.87 0.15
C LEU B 307 10.64 19.10 0.18
N GLU B 308 10.15 19.92 1.11
CA GLU B 308 8.69 20.13 1.17
C GLU B 308 8.22 20.93 -0.05
N SER B 309 9.13 21.71 -0.65
CA SER B 309 8.84 22.41 -1.90
C SER B 309 8.74 21.43 -3.08
N LEU B 310 9.63 20.45 -3.11
CA LEU B 310 9.54 19.41 -4.13
C LEU B 310 8.20 18.66 -4.04
N VAL B 311 7.79 18.28 -2.81
CA VAL B 311 6.46 17.66 -2.60
C VAL B 311 5.33 18.56 -3.11
N ALA B 312 5.32 19.83 -2.67
CA ALA B 312 4.25 20.76 -3.04
C ALA B 312 4.14 20.98 -4.54
N LEU B 313 5.28 21.16 -5.20
CA LEU B 313 5.30 21.36 -6.65
C LEU B 313 4.93 20.09 -7.43
N ALA B 314 5.47 18.95 -7.02
CA ALA B 314 5.04 17.68 -7.64
C ALA B 314 3.52 17.44 -7.49
N MET B 315 3.04 17.63 -6.25
CA MET B 315 1.64 17.43 -5.97
C MET B 315 0.76 18.42 -6.74
N GLY B 316 1.21 19.67 -6.76
CA GLY B 316 0.46 20.76 -7.44
C GLY B 316 0.34 20.44 -8.91
N TYR B 317 1.43 19.95 -9.50
CA TYR B 317 1.42 19.62 -10.92
C TYR B 317 0.56 18.38 -11.18
N ARG B 318 0.66 17.37 -10.30
CA ARG B 318 -0.19 16.16 -10.38
C ARG B 318 -1.66 16.53 -10.34
N LEU B 319 -1.99 17.46 -9.45
CA LEU B 319 -3.39 17.73 -9.19
C LEU B 319 -3.98 18.73 -10.14
N THR B 320 -3.15 19.58 -10.71
CA THR B 320 -3.70 20.62 -11.57
C THR B 320 -3.17 20.62 -13.01
N GLY B 321 -2.04 19.99 -13.25
CA GLY B 321 -1.43 20.02 -14.57
C GLY B 321 -0.91 21.39 -14.95
N ARG B 322 -0.88 22.33 -14.01
CA ARG B 322 -0.31 23.64 -14.30
C ARG B 322 1.19 23.63 -14.55
N ASP B 323 1.60 24.06 -15.75
CA ASP B 323 2.99 23.97 -16.16
C ASP B 323 3.90 24.79 -15.27
N ALA B 324 3.39 25.92 -14.73
CA ALA B 324 4.18 26.70 -13.76
C ALA B 324 4.78 25.84 -12.64
N CYS B 325 4.00 24.87 -12.17
CA CYS B 325 4.44 23.95 -11.09
C CYS B 325 5.55 23.07 -11.57
N TRP B 326 5.44 22.60 -12.81
CA TRP B 326 6.45 21.75 -13.40
C TRP B 326 7.72 22.54 -13.65
N ALA B 327 7.58 23.78 -14.11
CA ALA B 327 8.76 24.66 -14.33
C ALA B 327 9.50 24.90 -13.00
N TRP B 328 8.75 25.25 -11.96
CA TRP B 328 9.39 25.47 -10.65
C TRP B 328 9.90 24.14 -10.05
N TYR B 329 9.15 23.07 -10.30
CA TYR B 329 9.60 21.73 -9.85
C TYR B 329 11.02 21.44 -10.32
N GLN B 330 11.26 21.64 -11.62
CA GLN B 330 12.59 21.34 -12.19
C GLN B 330 13.69 22.26 -11.61
N LYS B 331 13.36 23.53 -11.41
CA LYS B 331 14.31 24.51 -10.82
C LYS B 331 14.68 24.10 -9.41
N MET B 332 13.68 23.74 -8.63
CA MET B 332 13.85 23.28 -7.23
C MET B 332 14.63 21.94 -7.16
N HIS B 333 14.34 21.06 -8.10
CA HIS B 333 14.92 19.72 -8.11
C HIS B 333 16.43 19.80 -8.26
N ASP B 334 16.86 20.52 -9.28
CA ASP B 334 18.28 20.61 -9.63
C ASP B 334 19.03 21.23 -8.45
N TYR B 335 18.48 22.31 -7.89
CA TYR B 335 19.14 22.95 -6.76
C TYR B 335 19.25 21.98 -5.57
N SER B 336 18.14 21.33 -5.24
CA SER B 336 18.07 20.51 -4.03
C SER B 336 18.93 19.27 -4.13
N TRP B 337 18.75 18.50 -5.20
CA TRP B 337 19.54 17.30 -5.38
C TRP B 337 21.03 17.60 -5.41
N GLN B 338 21.41 18.70 -6.07
CA GLN B 338 22.83 19.02 -6.21
C GLN B 338 23.44 19.47 -4.88
N HIS B 339 22.66 20.15 -4.06
CA HIS B 339 23.23 20.66 -2.82
C HIS B 339 23.08 19.79 -1.59
N PHE B 340 21.95 19.10 -1.45
CA PHE B 340 21.72 18.35 -0.20
C PHE B 340 22.04 16.86 -0.28
N ALA B 341 21.86 16.25 -1.46
CA ALA B 341 21.99 14.80 -1.54
C ALA B 341 23.45 14.35 -1.34
N ASP B 342 23.68 13.26 -0.61
CA ASP B 342 25.05 12.79 -0.33
C ASP B 342 25.18 11.30 -0.59
N PRO B 343 24.99 10.90 -1.85
CA PRO B 343 24.85 9.45 -2.19
C PRO B 343 26.06 8.59 -1.82
N GLU B 344 27.26 9.18 -1.72
CA GLU B 344 28.42 8.40 -1.34
C GLU B 344 28.34 7.83 0.06
N TYR B 345 27.62 8.50 0.96
CA TYR B 345 27.45 8.03 2.32
C TYR B 345 26.02 7.70 2.71
N GLY B 346 25.05 8.15 1.92
CA GLY B 346 23.64 7.94 2.25
C GLY B 346 23.02 9.19 2.90
N GLU B 347 21.70 9.30 2.74
CA GLU B 347 20.91 10.40 3.25
C GLU B 347 21.28 11.80 2.65
N TRP B 348 20.70 12.83 3.27
CA TRP B 348 20.90 14.21 2.80
C TRP B 348 21.48 15.06 3.94
N PHE B 349 22.38 15.98 3.61
CA PHE B 349 22.75 16.98 4.61
C PHE B 349 21.49 17.77 5.00
N GLY B 350 21.48 18.32 6.22
CA GLY B 350 20.40 19.19 6.68
C GLY B 350 20.71 20.66 6.45
N TYR B 351 21.94 21.05 6.72
CA TYR B 351 22.24 22.47 6.99
C TYR B 351 23.34 23.02 6.11
N LEU B 352 22.94 23.89 5.18
CA LEU B 352 23.84 24.64 4.30
C LEU B 352 23.76 26.14 4.63
N ASN B 353 24.86 26.85 4.42
CA ASN B 353 24.78 28.30 4.51
C ASN B 353 24.08 28.84 3.27
N ARG B 354 23.98 30.16 3.20
CA ARG B 354 23.32 30.79 2.08
C ARG B 354 23.93 30.39 0.73
N ARG B 355 25.27 30.32 0.67
CA ARG B 355 25.94 29.98 -0.58
C ARG B 355 25.85 28.50 -0.94
N GLY B 356 25.21 27.70 -0.07
CA GLY B 356 24.95 26.30 -0.34
C GLY B 356 26.12 25.41 0.04
N GLU B 357 27.03 25.92 0.88
CA GLU B 357 28.14 25.15 1.42
C GLU B 357 27.67 24.47 2.68
N VAL B 358 28.15 23.25 2.94
CA VAL B 358 27.83 22.54 4.20
C VAL B 358 28.26 23.33 5.46
N LEU B 359 27.26 23.65 6.26
CA LEU B 359 27.44 24.38 7.53
C LEU B 359 27.71 23.43 8.70
N LEU B 360 27.01 22.30 8.70
CA LEU B 360 27.21 21.28 9.75
C LEU B 360 27.36 19.91 9.10
N ASN B 361 28.43 19.21 9.48
CA ASN B 361 28.74 17.89 8.94
C ASN B 361 27.93 16.79 9.62
N LEU B 362 26.62 16.80 9.38
CA LEU B 362 25.71 15.91 10.09
C LEU B 362 24.67 15.36 9.11
N LYS B 363 24.17 14.17 9.42
CA LYS B 363 22.98 13.68 8.75
C LYS B 363 21.78 13.69 9.68
N GLY B 364 22.00 13.75 11.00
CA GLY B 364 20.90 13.97 11.94
C GLY B 364 21.40 14.70 13.16
N GLY B 365 20.48 15.28 13.93
CA GLY B 365 20.86 15.94 15.20
C GLY B 365 19.67 16.09 16.14
N LYS B 366 19.53 17.27 16.73
CA LYS B 366 18.43 17.54 17.66
C LYS B 366 17.10 17.73 16.94
N TRP B 367 17.20 18.16 15.68
CA TRP B 367 16.05 18.57 14.92
C TRP B 367 15.96 17.84 13.59
N LYS B 368 16.96 17.07 13.21
CA LYS B 368 16.87 16.34 11.92
C LYS B 368 16.93 14.86 12.23
N GLY B 369 15.92 14.11 11.83
CA GLY B 369 15.83 12.71 12.16
C GLY B 369 15.27 11.95 10.97
N CYS B 370 14.59 10.86 11.25
CA CYS B 370 14.07 10.02 10.18
C CYS B 370 12.66 10.48 9.83
N PHE B 371 12.55 11.63 9.16
CA PHE B 371 11.22 12.21 8.96
C PHE B 371 11.05 13.00 7.66
N HIS B 372 11.57 14.23 7.54
CA HIS B 372 11.27 15.02 6.36
C HIS B 372 11.81 14.34 5.09
N VAL B 373 13.05 13.88 5.12
CA VAL B 373 13.61 13.14 3.98
C VAL B 373 12.81 11.90 3.53
N PRO B 374 12.64 10.88 4.42
CA PRO B 374 11.85 9.75 3.90
C PRO B 374 10.39 10.04 3.55
N ARG B 375 9.71 10.91 4.29
CA ARG B 375 8.36 11.29 3.93
C ARG B 375 8.34 11.99 2.58
N ALA B 376 9.25 12.95 2.35
CA ALA B 376 9.28 13.64 1.06
C ALA B 376 9.63 12.71 -0.09
N MET B 377 10.59 11.80 0.10
CA MET B 377 10.93 10.84 -0.99
C MET B 377 9.70 9.98 -1.33
N TYR B 378 9.03 9.49 -0.31
CA TYR B 378 7.82 8.69 -0.51
C TYR B 378 6.71 9.46 -1.28
N LEU B 379 6.39 10.66 -0.79
CA LEU B 379 5.38 11.49 -1.41
C LEU B 379 5.69 11.88 -2.86
N CYS B 380 6.92 12.29 -3.14
CA CYS B 380 7.29 12.61 -4.53
C CYS B 380 7.25 11.35 -5.41
N TRP B 381 7.69 10.22 -4.89
CA TRP B 381 7.61 8.95 -5.62
C TRP B 381 6.15 8.72 -6.03
N GLN B 382 5.23 8.89 -5.07
CA GLN B 382 3.83 8.70 -5.34
C GLN B 382 3.26 9.72 -6.30
N GLN B 383 3.66 11.00 -6.21
CA GLN B 383 3.19 12.00 -7.21
C GLN B 383 3.65 11.67 -8.60
N PHE B 384 4.93 11.30 -8.77
CA PHE B 384 5.42 10.99 -10.12
C PHE B 384 4.86 9.67 -10.68
N GLU B 385 4.52 8.70 -9.82
CA GLU B 385 3.79 7.49 -10.28
C GLU B 385 2.47 7.86 -10.91
N ALA B 386 1.68 8.66 -10.22
CA ALA B 386 0.38 9.09 -10.76
C ALA B 386 0.54 9.94 -12.04
N LEU B 387 1.49 10.87 -12.02
CA LEU B 387 1.81 11.66 -13.20
C LEU B 387 2.21 10.77 -14.38
N SER B 388 3.14 9.88 -14.12
CA SER B 388 3.62 8.92 -15.10
C SER B 388 2.44 8.10 -15.61
#